data_1HH4
#
_entry.id   1HH4
#
_cell.length_a   154.700
_cell.length_b   88.700
_cell.length_c   62.600
_cell.angle_alpha   90.00
_cell.angle_beta   90.00
_cell.angle_gamma   90.00
#
_symmetry.space_group_name_H-M   'P 21 21 2'
#
loop_
_entity.id
_entity.type
_entity.pdbx_description
1 polymer 'RAS-RELATED C3 BOTULINUM TOXIN SUBSTRATE 1'
2 polymer 'RHO GDP-DISSOCIATION INHIBITOR 1'
3 non-polymer "GUANOSINE-5'-DIPHOSPHATE"
4 non-polymer 'MAGNESIUM ION'
5 non-polymer 'GERAN-8-YL GERAN'
6 water water
#
loop_
_entity_poly.entity_id
_entity_poly.type
_entity_poly.pdbx_seq_one_letter_code
_entity_poly.pdbx_strand_id
1 'polypeptide(L)'
;PQAIKCVVVGDGAVGKTCLLISYTTNAFPGEYIPTVFDNYSANVMVDGKPVNLGLWDTAGQEDYDRLRPLSYPQTDVSLI
CFSLVSPASFENVRAKWYPEVRHHCPNTPIILVGTKLDLRDDKDTIEKLKEKKLTPITYPQGLAMAKEIGAVKYLECSAL
TQRGLKTVFDEAIRAVLCPPPVKKRKRKCLLL
;
A,B
2 'polypeptide(L)'
;MAEQEPTAEQLAQIAAENEEDEHSVNYKPPAQKSIQEIQELDKDDESLRKYKEALLGRVAVSADPNVPNVVVTGLTLVCS
SAPGPLELDLTGDLESFKKQSFVLKEGVEYRIKISFRVNREIVSGMKYIQHTYRKGVKIDKTDYMVGSYGPRAEEYEFLT
PVEEAPKGMLARGSYSIKSRFTDDDKTDHLSWEWNLTIKKDWKD
;
D,E
#
loop_
_chem_comp.id
_chem_comp.type
_chem_comp.name
_chem_comp.formula
GDP RNA linking GUANOSINE-5'-DIPHOSPHATE 'C10 H15 N5 O11 P2'
GER non-polymer 'GERAN-8-YL GERAN' 'C20 H34'
MG non-polymer 'MAGNESIUM ION' 'Mg 2'
#
# COMPACT_ATOMS: atom_id res chain seq x y z
N PRO A 1 -38.29 -16.69 -18.19
CA PRO A 1 -37.85 -15.46 -17.48
C PRO A 1 -36.36 -15.15 -17.70
N GLN A 2 -35.72 -14.55 -16.71
CA GLN A 2 -34.30 -14.25 -16.79
C GLN A 2 -33.56 -15.41 -16.11
N ALA A 3 -32.42 -15.82 -16.65
CA ALA A 3 -31.71 -16.96 -16.05
C ALA A 3 -30.50 -16.60 -15.20
N ILE A 4 -30.59 -16.93 -13.92
CA ILE A 4 -29.53 -16.71 -12.96
C ILE A 4 -29.01 -18.08 -12.50
N LYS A 5 -27.74 -18.36 -12.80
CA LYS A 5 -27.14 -19.63 -12.44
C LYS A 5 -26.49 -19.62 -11.07
N CYS A 6 -26.87 -20.60 -10.25
CA CYS A 6 -26.36 -20.72 -8.89
C CYS A 6 -25.65 -22.04 -8.58
N VAL A 7 -24.42 -21.96 -8.09
CA VAL A 7 -23.67 -23.17 -7.75
C VAL A 7 -23.51 -23.31 -6.23
N VAL A 8 -23.61 -24.53 -5.73
CA VAL A 8 -23.54 -24.78 -4.31
C VAL A 8 -22.38 -25.64 -3.90
N VAL A 9 -21.41 -25.05 -3.23
CA VAL A 9 -20.22 -25.76 -2.82
C VAL A 9 -20.10 -25.89 -1.31
N GLY A 10 -19.28 -26.83 -0.87
CA GLY A 10 -19.10 -27.04 0.56
C GLY A 10 -18.68 -28.45 0.90
N ASP A 11 -18.16 -28.67 2.11
CA ASP A 11 -17.72 -30.02 2.52
C ASP A 11 -18.81 -31.06 2.38
N GLY A 12 -18.42 -32.33 2.28
CA GLY A 12 -19.40 -33.39 2.19
C GLY A 12 -20.12 -33.49 3.51
N ALA A 13 -21.39 -33.91 3.45
CA ALA A 13 -22.25 -34.07 4.62
C ALA A 13 -22.66 -32.76 5.27
N VAL A 14 -22.47 -31.64 4.60
CA VAL A 14 -22.91 -30.39 5.19
C VAL A 14 -24.39 -30.17 4.97
N GLY A 15 -24.89 -30.69 3.85
CA GLY A 15 -26.31 -30.55 3.57
C GLY A 15 -26.68 -29.87 2.27
N LYS A 16 -25.75 -29.79 1.32
CA LYS A 16 -25.97 -29.15 0.04
C LYS A 16 -27.06 -29.79 -0.81
N THR A 17 -27.14 -31.12 -0.76
CA THR A 17 -28.14 -31.86 -1.52
C THR A 17 -29.52 -31.71 -0.87
N CYS A 18 -29.58 -31.97 0.44
CA CYS A 18 -30.81 -31.83 1.21
C CYS A 18 -31.31 -30.40 1.21
N LEU A 19 -30.40 -29.48 0.94
CA LEU A 19 -30.76 -28.07 0.88
C LEU A 19 -31.52 -27.82 -0.42
N LEU A 20 -31.02 -28.34 -1.53
CA LEU A 20 -31.64 -28.15 -2.81
C LEU A 20 -32.94 -28.94 -2.98
N ILE A 21 -33.02 -30.09 -2.31
CA ILE A 21 -34.20 -30.93 -2.39
C ILE A 21 -35.32 -30.41 -1.48
N SER A 22 -34.96 -29.99 -0.28
CA SER A 22 -35.93 -29.45 0.65
C SER A 22 -36.47 -28.14 0.11
N TYR A 23 -35.76 -27.55 -0.84
CA TYR A 23 -36.16 -26.27 -1.45
C TYR A 23 -37.04 -26.44 -2.67
N THR A 24 -36.70 -27.37 -3.55
CA THR A 24 -37.48 -27.57 -4.76
C THR A 24 -38.76 -28.38 -4.55
N THR A 25 -38.76 -29.28 -3.56
CA THR A 25 -39.95 -30.10 -3.29
C THR A 25 -40.77 -29.58 -2.12
N ASN A 26 -40.18 -28.67 -1.36
CA ASN A 26 -40.86 -28.14 -0.18
C ASN A 26 -41.01 -29.25 0.87
N ALA A 27 -40.09 -30.23 0.85
CA ALA A 27 -40.11 -31.36 1.79
C ALA A 27 -38.73 -31.97 2.06
N PHE A 28 -38.40 -32.20 3.32
CA PHE A 28 -37.12 -32.78 3.65
C PHE A 28 -37.03 -34.28 3.39
N PRO A 29 -36.07 -34.70 2.55
CA PRO A 29 -35.88 -36.10 2.22
C PRO A 29 -35.15 -36.73 3.40
N GLY A 30 -35.51 -37.94 3.78
CA GLY A 30 -34.84 -38.52 4.93
C GLY A 30 -33.72 -39.50 4.68
N GLU A 31 -34.10 -40.71 4.32
CA GLU A 31 -33.15 -41.81 4.06
C GLU A 31 -32.46 -41.72 2.72
N TYR A 32 -33.23 -41.90 1.64
CA TYR A 32 -32.67 -41.84 0.29
C TYR A 32 -32.27 -40.41 -0.07
N ILE A 33 -30.97 -40.19 -0.22
CA ILE A 33 -30.44 -38.89 -0.60
C ILE A 33 -29.29 -39.16 -1.54
N PRO A 34 -29.37 -38.64 -2.79
CA PRO A 34 -28.28 -38.87 -3.73
C PRO A 34 -27.04 -38.06 -3.38
N THR A 35 -25.88 -38.55 -3.81
CA THR A 35 -24.62 -37.87 -3.56
C THR A 35 -24.79 -36.49 -4.17
N VAL A 36 -25.16 -36.45 -5.44
CA VAL A 36 -25.36 -35.18 -6.12
C VAL A 36 -26.79 -35.01 -6.60
N PHE A 37 -27.46 -33.93 -6.20
CA PHE A 37 -28.81 -33.67 -6.63
C PHE A 37 -28.72 -33.24 -8.09
N ASP A 38 -29.54 -33.85 -8.92
CA ASP A 38 -29.55 -33.52 -10.34
C ASP A 38 -29.84 -32.06 -10.56
N ASN A 39 -29.15 -31.49 -11.55
CA ASN A 39 -29.28 -30.09 -11.93
C ASN A 39 -30.74 -29.76 -12.20
N TYR A 40 -31.20 -28.63 -11.64
CA TYR A 40 -32.59 -28.23 -11.77
C TYR A 40 -32.79 -26.71 -11.72
N SER A 41 -33.54 -26.17 -12.68
CA SER A 41 -33.86 -24.74 -12.70
C SER A 41 -35.29 -24.59 -12.16
N ALA A 42 -35.51 -23.68 -11.22
CA ALA A 42 -36.84 -23.49 -10.67
C ALA A 42 -37.36 -22.10 -10.96
N ASN A 43 -38.65 -21.99 -11.23
CA ASN A 43 -39.24 -20.69 -11.49
C ASN A 43 -39.62 -20.06 -10.17
N VAL A 44 -39.03 -18.91 -9.88
CA VAL A 44 -39.31 -18.19 -8.64
C VAL A 44 -39.68 -16.76 -9.02
N MET A 45 -40.40 -16.09 -8.13
CA MET A 45 -40.82 -14.71 -8.39
C MET A 45 -40.36 -13.85 -7.25
N VAL A 46 -39.15 -13.31 -7.37
CA VAL A 46 -38.59 -12.48 -6.33
C VAL A 46 -38.69 -10.99 -6.69
N ASP A 47 -39.29 -10.22 -5.79
CA ASP A 47 -39.47 -8.78 -5.95
C ASP A 47 -40.36 -8.36 -7.09
N GLY A 48 -41.34 -9.19 -7.42
CA GLY A 48 -42.27 -8.87 -8.50
C GLY A 48 -41.81 -9.21 -9.91
N LYS A 49 -40.92 -10.19 -10.05
CA LYS A 49 -40.43 -10.63 -11.37
C LYS A 49 -40.02 -12.08 -11.28
N PRO A 50 -40.32 -12.85 -12.35
CA PRO A 50 -39.98 -14.28 -12.42
C PRO A 50 -38.51 -14.45 -12.78
N VAL A 51 -37.93 -15.57 -12.34
CA VAL A 51 -36.53 -15.84 -12.59
C VAL A 51 -36.31 -17.33 -12.80
N ASN A 52 -35.43 -17.66 -13.74
CA ASN A 52 -35.14 -19.07 -13.98
C ASN A 52 -33.85 -19.49 -13.28
N LEU A 53 -33.97 -19.72 -11.98
CA LEU A 53 -32.84 -20.13 -11.17
C LEU A 53 -32.32 -21.53 -11.46
N GLY A 54 -31.08 -21.57 -11.97
CA GLY A 54 -30.43 -22.83 -12.27
C GLY A 54 -29.56 -23.23 -11.12
N LEU A 55 -30.05 -24.21 -10.37
CA LEU A 55 -29.39 -24.73 -9.19
C LEU A 55 -28.44 -25.88 -9.47
N TRP A 56 -27.19 -25.74 -9.06
CA TRP A 56 -26.19 -26.78 -9.25
C TRP A 56 -25.60 -27.29 -7.94
N ASP A 57 -25.62 -28.61 -7.75
CA ASP A 57 -25.06 -29.23 -6.58
C ASP A 57 -23.82 -29.92 -7.09
N THR A 58 -22.74 -29.88 -6.32
CA THR A 58 -21.47 -30.47 -6.72
C THR A 58 -21.07 -31.64 -5.82
N ALA A 59 -19.85 -32.14 -6.02
CA ALA A 59 -19.31 -33.23 -5.22
C ALA A 59 -18.10 -32.63 -4.54
N GLY A 60 -18.22 -32.39 -3.24
CA GLY A 60 -17.15 -31.78 -2.49
C GLY A 60 -15.91 -32.62 -2.30
N GLN A 61 -16.02 -33.91 -2.60
CA GLN A 61 -14.87 -34.78 -2.44
C GLN A 61 -13.64 -34.21 -3.12
N GLU A 62 -12.49 -34.30 -2.45
CA GLU A 62 -11.24 -33.82 -3.03
C GLU A 62 -10.88 -34.72 -4.23
N ASP A 63 -11.61 -35.80 -4.34
CA ASP A 63 -11.36 -36.74 -5.42
C ASP A 63 -11.82 -36.17 -6.75
N TYR A 64 -12.74 -35.23 -6.70
CA TYR A 64 -13.21 -34.61 -7.93
C TYR A 64 -12.74 -33.16 -8.05
N ASP A 65 -11.68 -32.81 -7.32
CA ASP A 65 -11.13 -31.45 -7.33
C ASP A 65 -10.95 -30.79 -8.71
N ARG A 66 -10.73 -31.60 -9.74
CA ARG A 66 -10.54 -31.10 -11.09
C ARG A 66 -11.81 -31.16 -11.94
N LEU A 67 -12.70 -32.05 -11.59
CA LEU A 67 -13.92 -32.16 -12.36
C LEU A 67 -14.94 -31.09 -11.99
N ARG A 68 -15.06 -30.84 -10.70
CA ARG A 68 -16.01 -29.88 -10.14
C ARG A 68 -16.01 -28.49 -10.77
N PRO A 69 -14.82 -27.88 -10.90
CA PRO A 69 -14.73 -26.54 -11.49
C PRO A 69 -15.35 -26.32 -12.86
N LEU A 70 -15.66 -27.40 -13.57
CA LEU A 70 -16.23 -27.32 -14.91
C LEU A 70 -17.58 -26.67 -14.81
N SER A 71 -18.07 -26.51 -13.59
CA SER A 71 -19.39 -25.93 -13.39
C SER A 71 -19.38 -24.42 -13.12
N TYR A 72 -18.20 -23.88 -12.83
CA TYR A 72 -18.07 -22.47 -12.51
C TYR A 72 -18.25 -21.48 -13.63
N PRO A 73 -17.81 -21.81 -14.87
CA PRO A 73 -18.00 -20.85 -15.95
C PRO A 73 -19.48 -20.56 -16.15
N GLN A 74 -19.82 -19.31 -16.39
CA GLN A 74 -21.21 -18.89 -16.60
C GLN A 74 -22.05 -18.74 -15.33
N THR A 75 -21.42 -18.84 -14.17
CA THR A 75 -22.12 -18.73 -12.89
C THR A 75 -22.36 -17.28 -12.48
N ASP A 76 -23.48 -17.00 -11.85
CA ASP A 76 -23.77 -15.64 -11.43
C ASP A 76 -23.67 -15.50 -9.91
N VAL A 77 -23.85 -16.60 -9.18
CA VAL A 77 -23.79 -16.54 -7.72
C VAL A 77 -23.41 -17.87 -7.08
N SER A 78 -22.49 -17.85 -6.13
CA SER A 78 -22.08 -19.10 -5.52
C SER A 78 -22.41 -19.13 -4.04
N LEU A 79 -22.86 -20.25 -3.55
CA LEU A 79 -23.20 -20.35 -2.14
C LEU A 79 -22.21 -21.27 -1.44
N ILE A 80 -21.37 -20.73 -0.56
CA ILE A 80 -20.46 -21.62 0.15
C ILE A 80 -21.15 -22.14 1.42
N CYS A 81 -21.49 -23.41 1.42
CA CYS A 81 -22.16 -24.05 2.55
C CYS A 81 -21.26 -24.72 3.57
N PHE A 82 -21.69 -24.68 4.81
CA PHE A 82 -20.97 -25.35 5.90
C PHE A 82 -21.96 -25.69 7.02
N SER A 83 -21.77 -26.81 7.69
CA SER A 83 -22.66 -27.17 8.78
C SER A 83 -22.34 -26.36 10.02
N LEU A 84 -23.38 -25.91 10.72
CA LEU A 84 -23.24 -25.14 11.94
C LEU A 84 -22.79 -26.00 13.09
N VAL A 85 -22.98 -27.29 12.95
CA VAL A 85 -22.56 -28.15 14.02
C VAL A 85 -21.35 -28.94 13.58
N SER A 86 -20.56 -28.35 12.69
CA SER A 86 -19.35 -28.99 12.22
C SER A 86 -18.25 -27.97 12.08
N PRO A 87 -17.49 -27.73 13.16
CA PRO A 87 -16.39 -26.76 13.15
C PRO A 87 -15.38 -27.05 12.04
N ALA A 88 -15.25 -28.32 11.69
CA ALA A 88 -14.33 -28.70 10.66
C ALA A 88 -14.66 -28.02 9.32
N SER A 89 -15.89 -28.23 8.88
CA SER A 89 -16.35 -27.68 7.62
C SER A 89 -16.29 -26.16 7.65
N PHE A 90 -16.35 -25.58 8.82
CA PHE A 90 -16.25 -24.12 8.93
C PHE A 90 -14.86 -23.68 8.52
N GLU A 91 -13.85 -24.20 9.22
CA GLU A 91 -12.46 -23.88 8.96
C GLU A 91 -12.16 -24.12 7.50
N ASN A 92 -12.82 -25.11 6.93
CA ASN A 92 -12.64 -25.44 5.53
C ASN A 92 -13.19 -24.42 4.52
N VAL A 93 -13.83 -23.35 4.99
CA VAL A 93 -14.38 -22.37 4.07
C VAL A 93 -13.27 -21.46 3.58
N ARG A 94 -12.39 -21.05 4.50
CA ARG A 94 -11.29 -20.17 4.12
C ARG A 94 -10.12 -20.95 3.53
N ALA A 95 -9.97 -22.20 3.95
CA ALA A 95 -8.90 -23.05 3.49
C ALA A 95 -9.12 -23.68 2.12
N LYS A 96 -10.37 -24.00 1.79
CA LYS A 96 -10.66 -24.65 0.52
C LYS A 96 -11.64 -24.00 -0.44
N TRP A 97 -12.88 -23.77 0.01
CA TRP A 97 -13.94 -23.22 -0.87
C TRP A 97 -13.81 -21.77 -1.35
N TYR A 98 -13.65 -20.83 -0.43
CA TYR A 98 -13.49 -19.43 -0.80
C TYR A 98 -12.36 -19.26 -1.81
N PRO A 99 -11.20 -19.88 -1.57
CA PRO A 99 -10.08 -19.75 -2.51
C PRO A 99 -10.42 -20.44 -3.83
N GLU A 100 -11.11 -21.56 -3.75
CA GLU A 100 -11.53 -22.23 -4.96
C GLU A 100 -12.52 -21.38 -5.75
N VAL A 101 -13.65 -21.02 -5.13
CA VAL A 101 -14.72 -20.27 -5.78
C VAL A 101 -14.26 -18.93 -6.31
N ARG A 102 -13.46 -18.22 -5.53
CA ARG A 102 -13.03 -16.91 -5.99
C ARG A 102 -12.07 -17.01 -7.17
N HIS A 103 -11.14 -17.94 -7.07
CA HIS A 103 -10.16 -18.16 -8.12
C HIS A 103 -10.78 -18.60 -9.43
N HIS A 104 -11.92 -19.30 -9.38
CA HIS A 104 -12.58 -19.74 -10.61
C HIS A 104 -13.71 -18.80 -11.00
N CYS A 105 -14.13 -17.98 -10.04
CA CYS A 105 -15.21 -17.03 -10.28
C CYS A 105 -14.83 -15.68 -9.75
N PRO A 106 -13.84 -15.03 -10.39
CA PRO A 106 -13.53 -13.71 -9.84
C PRO A 106 -14.77 -12.83 -10.06
N ASN A 107 -14.92 -11.80 -9.25
CA ASN A 107 -16.08 -10.90 -9.40
C ASN A 107 -17.41 -11.64 -9.69
N THR A 108 -17.80 -12.47 -8.73
CA THR A 108 -19.03 -13.26 -8.72
C THR A 108 -19.44 -13.18 -7.26
N PRO A 109 -20.66 -12.73 -6.97
CA PRO A 109 -21.05 -12.64 -5.56
C PRO A 109 -21.06 -13.97 -4.83
N ILE A 110 -20.66 -13.96 -3.57
CA ILE A 110 -20.64 -15.17 -2.77
C ILE A 110 -21.51 -15.03 -1.55
N ILE A 111 -22.26 -16.08 -1.27
CA ILE A 111 -23.13 -16.12 -0.11
C ILE A 111 -22.67 -17.27 0.81
N LEU A 112 -22.38 -16.95 2.06
CA LEU A 112 -21.94 -17.97 3.00
C LEU A 112 -23.22 -18.50 3.64
N VAL A 113 -23.34 -19.81 3.75
CA VAL A 113 -24.55 -20.36 4.34
C VAL A 113 -24.23 -21.39 5.38
N GLY A 114 -24.71 -21.16 6.58
CA GLY A 114 -24.51 -22.10 7.67
C GLY A 114 -25.76 -22.98 7.70
N THR A 115 -25.59 -24.23 7.29
CA THR A 115 -26.69 -25.19 7.25
C THR A 115 -26.96 -25.88 8.61
N LYS A 116 -28.01 -26.69 8.67
CA LYS A 116 -28.37 -27.42 9.89
C LYS A 116 -28.65 -26.60 11.13
N LEU A 117 -29.23 -25.43 10.89
CA LEU A 117 -29.58 -24.50 11.96
C LEU A 117 -30.35 -25.21 13.06
N ASP A 118 -31.10 -26.25 12.72
CA ASP A 118 -31.87 -26.96 13.71
C ASP A 118 -31.05 -27.79 14.69
N LEU A 119 -29.76 -27.97 14.40
CA LEU A 119 -28.94 -28.76 15.29
C LEU A 119 -28.18 -27.93 16.31
N ARG A 120 -28.22 -26.60 16.17
CA ARG A 120 -27.53 -25.67 17.06
C ARG A 120 -27.96 -25.78 18.52
N ASP A 121 -29.21 -26.21 18.72
CA ASP A 121 -29.79 -26.35 20.04
C ASP A 121 -29.85 -27.77 20.56
N ASP A 122 -30.05 -28.73 19.67
CA ASP A 122 -30.16 -30.14 20.05
C ASP A 122 -29.15 -30.57 21.12
N LYS A 123 -29.66 -31.23 22.16
CA LYS A 123 -28.86 -31.72 23.28
C LYS A 123 -27.76 -32.67 22.86
N ASP A 124 -28.15 -33.76 22.24
CA ASP A 124 -27.21 -34.78 21.78
C ASP A 124 -26.02 -34.16 21.07
N THR A 125 -26.30 -33.32 20.07
CA THR A 125 -25.26 -32.65 19.28
C THR A 125 -24.23 -31.91 20.13
N ILE A 126 -24.71 -31.09 21.05
CA ILE A 126 -23.82 -30.35 21.92
C ILE A 126 -23.19 -31.26 22.98
N GLU A 127 -23.08 -32.54 22.71
CA GLU A 127 -22.46 -33.42 23.70
C GLU A 127 -21.31 -34.19 23.07
N LYS A 128 -21.62 -34.96 22.03
CA LYS A 128 -20.61 -35.73 21.33
C LYS A 128 -19.61 -34.73 20.73
N LEU A 129 -20.07 -33.48 20.64
CA LEU A 129 -19.28 -32.39 20.09
C LEU A 129 -18.59 -31.73 21.28
N LYS A 130 -19.40 -31.53 22.32
CA LYS A 130 -18.97 -30.92 23.56
C LYS A 130 -17.87 -31.72 24.22
N GLU A 131 -17.67 -32.96 23.77
CA GLU A 131 -16.64 -33.82 24.33
C GLU A 131 -15.41 -33.87 23.46
N LYS A 132 -15.31 -32.97 22.49
CA LYS A 132 -14.14 -32.93 21.61
C LYS A 132 -13.52 -31.56 21.73
N LYS A 133 -13.88 -30.85 22.79
CA LYS A 133 -13.38 -29.51 23.01
C LYS A 133 -13.99 -28.61 21.92
N LEU A 134 -15.09 -29.04 21.31
CA LEU A 134 -15.74 -28.25 20.28
C LEU A 134 -17.20 -27.87 20.53
N THR A 135 -17.51 -26.60 20.24
CA THR A 135 -18.84 -26.02 20.41
C THR A 135 -19.44 -25.68 19.04
N PRO A 136 -20.76 -25.50 18.97
CA PRO A 136 -21.45 -25.16 17.70
C PRO A 136 -21.00 -23.81 17.14
N ILE A 137 -21.24 -23.57 15.86
CA ILE A 137 -20.83 -22.29 15.29
C ILE A 137 -21.84 -21.20 15.62
N THR A 138 -21.35 -20.07 16.11
CA THR A 138 -22.21 -18.95 16.48
C THR A 138 -22.55 -18.12 15.25
N TYR A 139 -23.54 -17.25 15.39
CA TYR A 139 -23.91 -16.38 14.29
C TYR A 139 -22.77 -15.40 14.05
N PRO A 140 -22.31 -14.68 15.10
CA PRO A 140 -21.20 -13.74 14.91
C PRO A 140 -20.00 -14.38 14.23
N GLN A 141 -19.76 -15.65 14.50
CA GLN A 141 -18.65 -16.37 13.88
C GLN A 141 -18.83 -16.44 12.36
N GLY A 142 -20.02 -16.82 11.92
CA GLY A 142 -20.27 -16.89 10.50
C GLY A 142 -20.26 -15.51 9.87
N LEU A 143 -20.79 -14.55 10.61
CA LEU A 143 -20.83 -13.18 10.15
C LEU A 143 -19.38 -12.74 9.94
N ALA A 144 -18.53 -13.07 10.91
CA ALA A 144 -17.11 -12.74 10.85
C ALA A 144 -16.42 -13.40 9.66
N MET A 145 -16.74 -14.67 9.41
CA MET A 145 -16.16 -15.40 8.29
C MET A 145 -16.60 -14.75 6.97
N ALA A 146 -17.84 -14.28 6.96
CA ALA A 146 -18.36 -13.63 5.76
C ALA A 146 -17.54 -12.38 5.46
N LYS A 147 -17.44 -11.50 6.45
CA LYS A 147 -16.71 -10.25 6.31
C LYS A 147 -15.29 -10.55 5.83
N GLU A 148 -14.77 -11.71 6.22
CA GLU A 148 -13.42 -12.15 5.88
C GLU A 148 -13.20 -12.63 4.44
N ILE A 149 -14.15 -13.35 3.85
CA ILE A 149 -13.98 -13.82 2.47
C ILE A 149 -14.69 -12.86 1.54
N GLY A 150 -15.23 -11.79 2.11
CA GLY A 150 -15.92 -10.80 1.30
C GLY A 150 -17.18 -11.30 0.63
N ALA A 151 -18.10 -11.83 1.43
CA ALA A 151 -19.38 -12.31 0.91
C ALA A 151 -20.41 -11.17 0.97
N VAL A 152 -21.40 -11.20 0.08
CA VAL A 152 -22.38 -10.12 0.07
C VAL A 152 -23.40 -10.26 1.18
N LYS A 153 -23.52 -11.48 1.71
CA LYS A 153 -24.46 -11.72 2.79
C LYS A 153 -24.19 -13.05 3.50
N TYR A 154 -24.55 -13.11 4.78
CA TYR A 154 -24.39 -14.31 5.58
C TYR A 154 -25.81 -14.75 5.91
N LEU A 155 -26.09 -16.04 5.76
CA LEU A 155 -27.41 -16.58 6.03
C LEU A 155 -27.33 -17.93 6.73
N GLU A 156 -28.27 -18.22 7.62
CA GLU A 156 -28.29 -19.52 8.27
C GLU A 156 -29.64 -20.19 8.00
N CYS A 157 -29.62 -21.51 7.82
CA CYS A 157 -30.85 -22.20 7.52
C CYS A 157 -30.76 -23.65 7.88
N SER A 158 -31.92 -24.28 7.82
CA SER A 158 -32.11 -25.70 8.12
C SER A 158 -33.05 -26.28 7.06
N ALA A 159 -32.67 -27.41 6.47
CA ALA A 159 -33.48 -28.03 5.44
C ALA A 159 -34.58 -28.82 6.10
N LEU A 160 -34.25 -29.46 7.22
CA LEU A 160 -35.17 -30.28 8.02
C LEU A 160 -36.45 -29.51 8.32
N THR A 161 -36.33 -28.34 8.93
CA THR A 161 -37.48 -27.52 9.27
C THR A 161 -37.74 -26.44 8.20
N GLN A 162 -36.96 -26.47 7.11
CA GLN A 162 -37.10 -25.48 6.03
C GLN A 162 -37.08 -24.03 6.52
N ARG A 163 -36.35 -23.75 7.59
CA ARG A 163 -36.29 -22.40 8.15
C ARG A 163 -35.26 -21.51 7.47
N GLY A 164 -35.72 -20.36 7.00
CA GLY A 164 -34.84 -19.41 6.34
C GLY A 164 -34.33 -19.93 5.01
N LEU A 165 -34.74 -21.13 4.66
CA LEU A 165 -34.30 -21.74 3.42
C LEU A 165 -34.79 -20.93 2.24
N LYS A 166 -35.87 -20.15 2.43
CA LYS A 166 -36.46 -19.35 1.36
C LYS A 166 -35.63 -18.11 1.06
N THR A 167 -35.15 -17.45 2.12
CA THR A 167 -34.36 -16.24 1.96
C THR A 167 -32.99 -16.50 1.31
N VAL A 168 -32.38 -17.65 1.61
CA VAL A 168 -31.09 -18.00 1.02
C VAL A 168 -31.12 -17.83 -0.50
N PHE A 169 -32.15 -18.35 -1.17
CA PHE A 169 -32.28 -18.26 -2.63
C PHE A 169 -32.88 -16.94 -3.13
N ASP A 170 -33.51 -16.20 -2.22
CA ASP A 170 -34.07 -14.90 -2.56
C ASP A 170 -32.88 -13.96 -2.57
N GLU A 171 -32.03 -14.09 -1.55
CA GLU A 171 -30.86 -13.26 -1.43
C GLU A 171 -29.85 -13.58 -2.53
N ALA A 172 -29.78 -14.85 -2.91
CA ALA A 172 -28.84 -15.21 -3.97
C ALA A 172 -29.27 -14.50 -5.24
N ILE A 173 -30.57 -14.53 -5.53
CA ILE A 173 -31.12 -13.90 -6.69
C ILE A 173 -31.04 -12.39 -6.60
N ARG A 174 -31.24 -11.87 -5.39
CA ARG A 174 -31.20 -10.43 -5.14
C ARG A 174 -29.77 -9.95 -5.35
N ALA A 175 -28.82 -10.83 -5.09
CA ALA A 175 -27.41 -10.50 -5.24
C ALA A 175 -27.02 -10.34 -6.70
N VAL A 176 -27.72 -11.07 -7.57
CA VAL A 176 -27.43 -11.02 -9.00
C VAL A 176 -28.27 -9.96 -9.67
N LEU A 177 -29.50 -9.80 -9.20
CA LEU A 177 -30.42 -8.82 -9.75
C LEU A 177 -30.23 -7.47 -9.07
N CYS A 178 -29.51 -6.55 -9.72
CA CYS A 178 -29.32 -5.21 -9.20
C CYS A 178 -28.23 -5.04 -8.11
N PRO A 179 -27.15 -5.79 -8.17
CA PRO A 179 -26.15 -5.58 -7.11
C PRO A 179 -25.45 -4.21 -7.13
N PRO A 180 -24.59 -3.92 -6.14
CA PRO A 180 -23.90 -2.63 -6.09
C PRO A 180 -23.02 -2.48 -7.32
N PRO A 181 -22.77 -1.23 -7.73
CA PRO A 181 -21.94 -0.91 -8.90
C PRO A 181 -20.49 -1.32 -8.72
N VAL A 182 -19.98 -2.15 -9.63
CA VAL A 182 -18.59 -2.58 -9.55
C VAL A 182 -17.73 -1.32 -9.55
N LYS A 183 -16.47 -1.45 -9.16
CA LYS A 183 -15.54 -0.32 -9.11
C LYS A 183 -14.92 -0.03 -10.48
N LYS A 184 -15.36 -0.75 -11.51
CA LYS A 184 -14.83 -0.58 -12.86
C LYS A 184 -13.34 -0.83 -12.81
N ARG A 185 -12.98 -1.97 -12.23
CA ARG A 185 -11.59 -2.37 -12.08
C ARG A 185 -10.85 -2.50 -13.39
N LYS A 186 -9.56 -2.82 -13.28
CA LYS A 186 -8.68 -2.99 -14.43
C LYS A 186 -8.76 -1.78 -15.35
N ARG A 187 -9.27 -0.67 -14.81
CA ARG A 187 -9.36 0.57 -15.57
C ARG A 187 -7.93 1.05 -15.74
N LYS A 188 -7.26 0.53 -16.77
CA LYS A 188 -5.86 0.84 -17.06
C LYS A 188 -5.40 2.19 -16.56
N CYS A 189 -4.28 2.18 -15.85
CA CYS A 189 -3.68 3.40 -15.29
C CYS A 189 -4.75 4.25 -14.59
N PRO B 1 -6.27 20.91 3.94
CA PRO B 1 -6.03 22.12 4.76
C PRO B 1 -4.60 22.64 4.55
N GLN B 2 -4.04 23.24 5.61
CA GLN B 2 -2.68 23.76 5.60
C GLN B 2 -1.83 22.63 6.22
N ALA B 3 -0.67 22.35 5.64
CA ALA B 3 0.18 21.27 6.16
C ALA B 3 1.30 21.67 7.12
N ILE B 4 1.19 21.20 8.36
CA ILE B 4 2.18 21.46 9.38
C ILE B 4 2.81 20.14 9.86
N LYS B 5 4.11 19.96 9.61
CA LYS B 5 4.81 18.73 10.02
C LYS B 5 5.40 18.77 11.43
N CYS B 6 5.01 17.79 12.26
CA CYS B 6 5.47 17.71 13.64
C CYS B 6 6.26 16.42 13.93
N VAL B 7 7.47 16.56 14.44
CA VAL B 7 8.29 15.39 14.77
C VAL B 7 8.38 15.21 16.28
N VAL B 8 8.33 13.97 16.76
CA VAL B 8 8.37 13.66 18.19
C VAL B 8 9.64 12.89 18.57
N VAL B 9 10.50 13.50 19.37
CA VAL B 9 11.75 12.85 19.82
C VAL B 9 11.78 12.74 21.34
N GLY B 10 12.66 11.86 21.83
CA GLY B 10 12.81 11.63 23.25
C GLY B 10 13.32 10.23 23.54
N ASP B 11 13.79 9.98 24.76
CA ASP B 11 14.29 8.66 25.12
C ASP B 11 13.25 7.57 25.01
N GLY B 12 13.70 6.33 24.86
CA GLY B 12 12.77 5.23 24.78
C GLY B 12 11.97 5.07 26.07
N ALA B 13 10.72 4.63 25.94
CA ALA B 13 9.80 4.38 27.06
C ALA B 13 9.26 5.62 27.75
N VAL B 14 9.54 6.80 27.18
CA VAL B 14 9.02 8.04 27.73
C VAL B 14 7.54 8.21 27.38
N GLY B 15 7.12 7.57 26.29
CA GLY B 15 5.72 7.64 25.88
C GLY B 15 5.43 8.40 24.61
N LYS B 16 6.37 8.44 23.68
CA LYS B 16 6.20 9.13 22.42
C LYS B 16 5.11 8.49 21.59
N THR B 17 5.06 7.16 21.62
CA THR B 17 4.06 6.43 20.87
C THR B 17 2.68 6.56 21.50
N CYS B 18 2.56 6.13 22.76
CA CYS B 18 1.29 6.21 23.47
C CYS B 18 0.73 7.62 23.47
N LEU B 19 1.57 8.58 23.10
CA LEU B 19 1.19 9.98 23.04
C LEU B 19 0.42 10.20 21.73
N LEU B 20 1.01 9.69 20.66
CA LEU B 20 0.42 9.81 19.33
C LEU B 20 -0.85 8.97 19.17
N ILE B 21 -0.94 7.87 19.91
CA ILE B 21 -2.10 7.00 19.85
C ILE B 21 -3.21 7.58 20.74
N SER B 22 -2.83 7.90 21.95
CA SER B 22 -3.76 8.45 22.90
C SER B 22 -4.33 9.76 22.36
N TYR B 23 -3.73 10.27 21.29
CA TYR B 23 -4.18 11.53 20.71
C TYR B 23 -5.06 11.38 19.48
N THR B 24 -4.71 10.46 18.61
CA THR B 24 -5.45 10.23 17.38
C THR B 24 -6.71 9.37 17.60
N THR B 25 -6.71 8.52 18.62
CA THR B 25 -7.84 7.64 18.89
C THR B 25 -8.67 8.02 20.10
N ASN B 26 -8.33 9.08 20.81
CA ASN B 26 -9.09 9.44 22.01
C ASN B 26 -8.99 8.32 23.05
N ALA B 27 -8.05 7.38 22.86
CA ALA B 27 -7.88 6.27 23.79
C ALA B 27 -6.44 5.71 23.87
N PHE B 28 -6.15 5.02 24.98
CA PHE B 28 -4.80 4.46 25.24
C PHE B 28 -4.69 2.93 25.35
N PRO B 29 -3.65 2.32 24.73
CA PRO B 29 -3.41 0.87 24.74
C PRO B 29 -2.90 0.35 26.08
N GLY B 30 -2.87 -0.98 26.23
CA GLY B 30 -2.39 -1.56 27.48
C GLY B 30 -1.45 -2.74 27.27
N GLU B 31 -1.89 -3.68 26.43
CA GLU B 31 -1.11 -4.88 26.11
C GLU B 31 -0.15 -4.61 24.95
N TYR B 32 -0.71 -4.26 23.80
CA TYR B 32 0.10 -4.01 22.62
C TYR B 32 0.37 -2.55 22.36
N ILE B 33 1.66 -2.21 22.30
CA ILE B 33 2.10 -0.86 22.01
C ILE B 33 3.25 -1.05 21.03
N PRO B 34 3.09 -0.54 19.80
CA PRO B 34 4.13 -0.65 18.76
C PRO B 34 5.35 0.22 19.03
N THR B 35 6.52 -0.23 18.58
CA THR B 35 7.78 0.50 18.76
C THR B 35 7.65 1.94 18.30
N VAL B 36 7.30 2.12 17.04
CA VAL B 36 7.14 3.47 16.49
C VAL B 36 5.73 3.66 15.90
N PHE B 37 5.05 4.73 16.30
CA PHE B 37 3.72 5.04 15.79
C PHE B 37 3.85 5.18 14.28
N ASP B 38 2.72 5.20 13.60
CA ASP B 38 2.78 5.30 12.16
C ASP B 38 2.73 6.70 11.59
N ASN B 39 3.34 6.86 10.42
CA ASN B 39 3.39 8.15 9.72
C ASN B 39 1.94 8.60 9.49
N TYR B 40 1.46 9.40 10.43
CA TYR B 40 0.11 9.89 10.48
C TYR B 40 -0.05 11.33 9.97
N SER B 41 -1.24 11.87 10.15
CA SER B 41 -1.61 13.22 9.74
C SER B 41 -3.09 13.35 10.06
N ALA B 42 -3.41 14.12 11.09
CA ALA B 42 -4.78 14.29 11.50
C ALA B 42 -5.35 15.67 11.19
N ASN B 43 -6.64 15.71 10.91
CA ASN B 43 -7.32 16.97 10.63
C ASN B 43 -7.74 17.58 11.95
N VAL B 44 -7.27 18.80 12.20
CA VAL B 44 -7.58 19.51 13.43
C VAL B 44 -8.07 20.88 13.04
N MET B 45 -8.76 21.56 13.95
CA MET B 45 -9.26 22.90 13.67
C MET B 45 -8.83 23.82 14.80
N VAL B 46 -7.64 24.39 14.64
CA VAL B 46 -7.07 25.29 15.63
C VAL B 46 -7.27 26.77 15.30
N ASP B 47 -7.78 27.53 16.27
CA ASP B 47 -8.04 28.96 16.10
C ASP B 47 -9.03 29.29 14.99
N GLY B 48 -9.92 28.36 14.66
CA GLY B 48 -10.90 28.62 13.62
C GLY B 48 -10.38 28.33 12.22
N LYS B 49 -9.46 27.37 12.15
CA LYS B 49 -8.87 26.99 10.87
C LYS B 49 -8.44 25.53 10.94
N PRO B 50 -8.69 24.77 9.86
CA PRO B 50 -8.25 23.37 9.92
C PRO B 50 -6.80 23.26 9.45
N VAL B 51 -6.10 22.22 9.90
CA VAL B 51 -4.70 22.00 9.53
C VAL B 51 -4.47 20.49 9.33
N ASN B 52 -3.58 20.14 8.39
CA ASN B 52 -3.25 18.75 8.11
C ASN B 52 -1.96 18.40 8.85
N LEU B 53 -2.08 18.21 10.16
CA LEU B 53 -0.93 17.89 10.99
C LEU B 53 -0.32 16.55 10.63
N GLY B 54 0.97 16.55 10.33
CA GLY B 54 1.67 15.32 10.02
C GLY B 54 2.45 14.88 11.24
N LEU B 55 1.97 13.83 11.89
CA LEU B 55 2.62 13.31 13.10
C LEU B 55 3.71 12.27 12.82
N TRP B 56 4.91 12.52 13.31
CA TRP B 56 6.01 11.59 13.10
C TRP B 56 6.62 11.04 14.39
N ASP B 57 6.66 9.73 14.53
CA ASP B 57 7.22 9.10 15.71
C ASP B 57 8.56 8.51 15.31
N THR B 58 9.55 8.59 16.20
CA THR B 58 10.87 8.05 15.91
C THR B 58 11.28 6.89 16.82
N ALA B 59 12.49 6.38 16.62
CA ALA B 59 13.05 5.29 17.43
C ALA B 59 14.24 5.89 18.17
N GLY B 60 13.99 6.43 19.35
CA GLY B 60 15.04 7.04 20.15
C GLY B 60 16.28 6.20 20.39
N GLN B 61 16.25 4.93 19.99
CA GLN B 61 17.36 4.00 20.18
C GLN B 61 18.63 4.56 19.55
N GLU B 62 19.68 4.63 20.34
CA GLU B 62 20.93 5.17 19.82
C GLU B 62 21.55 4.27 18.76
N ASP B 63 20.82 3.21 18.42
CA ASP B 63 21.21 2.25 17.40
C ASP B 63 20.88 2.91 16.08
N TYR B 64 19.77 3.65 16.05
CA TYR B 64 19.31 4.31 14.84
C TYR B 64 19.73 5.76 14.74
N ASP B 65 20.74 6.13 15.51
CA ASP B 65 21.24 7.50 15.50
C ASP B 65 21.44 8.14 14.12
N ARG B 66 21.73 7.33 13.12
CA ARG B 66 21.94 7.85 11.77
C ARG B 66 20.69 7.77 10.88
N LEU B 67 19.77 6.86 11.20
CA LEU B 67 18.56 6.68 10.42
C LEU B 67 17.49 7.69 10.81
N ARG B 68 17.32 7.87 12.12
CA ARG B 68 16.33 8.80 12.67
C ARG B 68 16.28 10.18 11.99
N PRO B 69 17.41 10.90 11.89
CA PRO B 69 17.52 12.23 11.27
C PRO B 69 16.98 12.36 9.85
N LEU B 70 16.61 11.25 9.22
CA LEU B 70 16.08 11.33 7.87
C LEU B 70 14.67 11.89 7.92
N SER B 71 14.17 12.07 9.14
CA SER B 71 12.82 12.61 9.33
C SER B 71 12.75 14.11 9.59
N TYR B 72 13.89 14.72 9.90
CA TYR B 72 13.93 16.16 10.20
C TYR B 72 13.75 17.14 9.03
N PRO B 73 14.19 16.78 7.81
CA PRO B 73 14.01 17.73 6.72
C PRO B 73 12.53 18.07 6.55
N GLN B 74 12.24 19.34 6.28
CA GLN B 74 10.87 19.79 6.08
C GLN B 74 9.97 19.83 7.31
N THR B 75 10.59 19.76 8.49
CA THR B 75 9.87 19.79 9.77
C THR B 75 9.45 21.20 10.15
N ASP B 76 8.26 21.37 10.72
CA ASP B 76 7.80 22.71 11.10
C ASP B 76 7.83 22.93 12.62
N VAL B 77 7.75 21.84 13.38
CA VAL B 77 7.82 21.93 14.84
C VAL B 77 8.26 20.62 15.49
N SER B 78 9.13 20.71 16.48
CA SER B 78 9.62 19.51 17.15
C SER B 78 9.22 19.47 18.63
N LEU B 79 8.82 18.29 19.09
CA LEU B 79 8.42 18.10 20.47
C LEU B 79 9.47 17.23 21.13
N ILE B 80 10.23 17.78 22.08
CA ILE B 80 11.21 16.94 22.79
C ILE B 80 10.48 16.35 24.01
N CYS B 81 10.23 15.05 24.00
CA CYS B 81 9.52 14.38 25.09
C CYS B 81 10.41 13.65 26.10
N PHE B 82 10.04 13.78 27.38
CA PHE B 82 10.75 13.10 28.49
C PHE B 82 9.74 12.79 29.58
N SER B 83 9.92 11.66 30.26
CA SER B 83 9.04 11.23 31.34
C SER B 83 9.32 12.03 32.61
N LEU B 84 8.27 12.54 33.24
CA LEU B 84 8.46 13.31 34.47
C LEU B 84 8.84 12.41 35.63
N VAL B 85 8.71 11.11 35.46
CA VAL B 85 9.10 10.22 36.54
C VAL B 85 10.31 9.43 36.12
N SER B 86 11.16 10.06 35.30
CA SER B 86 12.41 9.48 34.82
C SER B 86 13.44 10.59 34.73
N PRO B 87 14.15 10.87 35.83
CA PRO B 87 15.17 11.92 35.83
C PRO B 87 16.28 11.71 34.81
N ALA B 88 16.49 10.46 34.40
CA ALA B 88 17.51 10.11 33.41
C ALA B 88 17.17 10.67 32.03
N SER B 89 15.93 10.47 31.60
CA SER B 89 15.51 10.97 30.30
C SER B 89 15.44 12.49 30.35
N PHE B 90 15.39 13.07 31.55
CA PHE B 90 15.34 14.52 31.66
C PHE B 90 16.71 15.09 31.32
N GLU B 91 17.71 14.53 31.98
CA GLU B 91 19.07 14.98 31.75
C GLU B 91 19.45 14.74 30.27
N ASN B 92 18.78 13.78 29.66
CA ASN B 92 19.05 13.41 28.28
C ASN B 92 18.51 14.41 27.23
N VAL B 93 17.76 15.41 27.69
CA VAL B 93 17.19 16.43 26.83
C VAL B 93 18.30 17.39 26.40
N ARG B 94 19.14 17.80 27.33
CA ARG B 94 20.22 18.70 27.00
C ARG B 94 21.39 17.96 26.34
N ALA B 95 21.61 16.72 26.78
CA ALA B 95 22.71 15.88 26.31
C ALA B 95 22.57 15.32 24.92
N LYS B 96 21.36 14.95 24.54
CA LYS B 96 21.15 14.35 23.22
C LYS B 96 20.13 14.96 22.28
N TRP B 97 18.87 15.09 22.72
CA TRP B 97 17.82 15.57 21.83
C TRP B 97 17.88 16.99 21.32
N TYR B 98 17.91 17.95 22.24
CA TYR B 98 18.01 19.35 21.88
C TYR B 98 19.20 19.61 20.97
N PRO B 99 20.34 18.94 21.21
CA PRO B 99 21.50 19.16 20.34
C PRO B 99 21.24 18.56 18.97
N GLU B 100 20.61 17.41 18.98
CA GLU B 100 20.29 16.73 17.74
C GLU B 100 19.22 17.48 16.95
N VAL B 101 18.09 17.70 17.58
CA VAL B 101 16.99 18.40 16.95
C VAL B 101 17.42 19.75 16.42
N ARG B 102 18.14 20.50 17.25
CA ARG B 102 18.62 21.83 16.89
C ARG B 102 19.54 21.77 15.69
N HIS B 103 20.52 20.89 15.78
CA HIS B 103 21.51 20.72 14.74
C HIS B 103 20.99 20.31 13.36
N HIS B 104 19.83 19.65 13.34
CA HIS B 104 19.25 19.20 12.08
C HIS B 104 18.08 20.07 11.69
N CYS B 105 17.57 20.85 12.65
CA CYS B 105 16.44 21.72 12.40
C CYS B 105 16.77 23.07 12.98
N PRO B 106 17.63 23.84 12.30
CA PRO B 106 17.92 25.15 12.88
C PRO B 106 16.67 25.94 12.58
N ASN B 107 16.43 27.00 13.34
CA ASN B 107 15.27 27.83 13.11
C ASN B 107 13.97 27.03 13.01
N THR B 108 13.75 26.14 13.97
CA THR B 108 12.52 25.33 14.01
C THR B 108 12.01 25.39 15.43
N PRO B 109 10.75 25.74 15.61
CA PRO B 109 10.26 25.80 16.99
C PRO B 109 10.43 24.46 17.70
N ILE B 110 10.78 24.51 18.99
CA ILE B 110 10.92 23.30 19.77
C ILE B 110 10.04 23.39 21.03
N ILE B 111 9.21 22.37 21.22
CA ILE B 111 8.31 22.30 22.37
C ILE B 111 8.78 21.16 23.28
N LEU B 112 9.02 21.48 24.54
CA LEU B 112 9.46 20.47 25.48
C LEU B 112 8.21 19.93 26.12
N VAL B 113 8.12 18.61 26.22
CA VAL B 113 6.94 18.02 26.79
C VAL B 113 7.31 16.98 27.84
N GLY B 114 6.75 17.14 29.03
CA GLY B 114 7.01 16.20 30.10
C GLY B 114 5.81 15.28 30.11
N THR B 115 6.00 14.01 29.76
CA THR B 115 4.91 13.04 29.70
C THR B 115 4.62 12.38 31.05
N LYS B 116 3.65 11.46 31.04
CA LYS B 116 3.23 10.68 32.21
C LYS B 116 2.89 11.53 33.43
N LEU B 117 2.30 12.69 33.19
CA LEU B 117 1.90 13.60 34.24
C LEU B 117 1.09 12.95 35.34
N ASP B 118 0.49 11.81 35.03
CA ASP B 118 -0.34 11.08 35.98
C ASP B 118 0.44 10.26 37.03
N LEU B 119 1.75 10.18 36.87
CA LEU B 119 2.56 9.38 37.78
C LEU B 119 3.32 10.23 38.81
N ARG B 120 3.30 11.54 38.62
CA ARG B 120 3.99 12.44 39.53
C ARG B 120 3.53 12.31 40.98
N ASP B 121 2.28 11.87 41.18
CA ASP B 121 1.74 11.74 42.53
C ASP B 121 1.66 10.30 42.98
N ASP B 122 1.58 9.38 42.03
CA ASP B 122 1.49 7.95 42.32
C ASP B 122 2.46 7.55 43.44
N LYS B 123 1.93 6.96 44.51
CA LYS B 123 2.76 6.55 45.65
C LYS B 123 3.87 5.59 45.25
N ASP B 124 3.46 4.50 44.62
CA ASP B 124 4.38 3.45 44.17
C ASP B 124 5.62 4.08 43.52
N THR B 125 5.36 4.86 42.47
CA THR B 125 6.40 5.55 41.69
C THR B 125 7.36 6.38 42.55
N ILE B 126 6.83 7.10 43.53
CA ILE B 126 7.64 7.93 44.41
C ILE B 126 8.27 7.10 45.53
N GLU B 127 8.54 5.82 45.25
CA GLU B 127 9.14 4.94 46.26
C GLU B 127 10.32 4.21 45.64
N LYS B 128 10.05 3.44 44.59
CA LYS B 128 11.10 2.71 43.88
C LYS B 128 12.09 3.73 43.31
N LEU B 129 11.61 4.97 43.17
CA LEU B 129 12.42 6.07 42.67
C LEU B 129 13.04 6.77 43.88
N LYS B 130 12.32 6.83 44.99
CA LYS B 130 12.84 7.43 46.21
C LYS B 130 14.00 6.56 46.76
N GLU B 131 14.01 5.30 46.34
CA GLU B 131 15.02 4.32 46.75
C GLU B 131 16.34 4.50 46.00
N LYS B 132 16.28 5.25 44.91
CA LYS B 132 17.46 5.52 44.12
C LYS B 132 17.97 6.93 44.36
N LYS B 133 17.45 7.59 45.39
CA LYS B 133 17.83 8.96 45.72
C LYS B 133 17.31 9.90 44.62
N LEU B 134 16.23 9.48 43.97
CA LEU B 134 15.60 10.24 42.88
C LEU B 134 14.17 10.67 43.18
N THR B 135 13.84 11.90 42.80
CA THR B 135 12.50 12.43 43.00
C THR B 135 11.94 12.79 41.63
N PRO B 136 10.61 12.89 41.54
CA PRO B 136 9.97 13.23 40.25
C PRO B 136 10.32 14.64 39.77
N ILE B 137 10.13 14.91 38.48
CA ILE B 137 10.46 16.23 37.93
C ILE B 137 9.34 17.24 38.21
N THR B 138 9.70 18.39 38.78
CA THR B 138 8.73 19.42 39.09
C THR B 138 8.45 20.24 37.83
N TYR B 139 7.46 21.12 37.89
CA TYR B 139 7.14 21.97 36.75
C TYR B 139 8.27 22.97 36.56
N PRO B 140 8.64 23.69 37.63
CA PRO B 140 9.72 24.67 37.50
C PRO B 140 10.97 24.13 36.82
N GLN B 141 11.30 22.87 37.09
CA GLN B 141 12.47 22.22 36.50
C GLN B 141 12.31 22.13 35.00
N GLY B 142 11.13 21.70 34.57
CA GLY B 142 10.85 21.58 33.16
C GLY B 142 10.86 22.94 32.49
N LEU B 143 10.25 23.93 33.14
CA LEU B 143 10.21 25.27 32.57
C LEU B 143 11.64 25.81 32.51
N ALA B 144 12.45 25.43 33.49
CA ALA B 144 13.85 25.88 33.53
C ALA B 144 14.60 25.28 32.37
N MET B 145 14.35 23.99 32.12
CA MET B 145 14.98 23.25 31.03
C MET B 145 14.54 23.84 29.70
N ALA B 146 13.30 24.32 29.66
CA ALA B 146 12.74 24.91 28.46
C ALA B 146 13.48 26.20 28.16
N LYS B 147 13.57 27.07 29.16
CA LYS B 147 14.24 28.35 29.05
C LYS B 147 15.70 28.11 28.63
N GLU B 148 16.25 26.96 29.04
CA GLU B 148 17.64 26.59 28.77
C GLU B 148 17.97 26.23 27.32
N ILE B 149 17.08 25.47 26.67
CA ILE B 149 17.30 25.06 25.29
C ILE B 149 16.56 25.99 24.32
N GLY B 150 15.93 27.02 24.86
CA GLY B 150 15.23 27.97 24.03
C GLY B 150 13.96 27.44 23.38
N ALA B 151 13.10 26.80 24.16
CA ALA B 151 11.86 26.28 23.62
C ALA B 151 10.81 27.39 23.62
N VAL B 152 9.81 27.24 22.74
CA VAL B 152 8.74 28.21 22.61
C VAL B 152 7.72 28.09 23.73
N LYS B 153 7.49 26.86 24.18
CA LYS B 153 6.55 26.61 25.27
C LYS B 153 6.96 25.34 26.01
N TYR B 154 6.55 25.22 27.27
CA TYR B 154 6.80 24.02 28.06
C TYR B 154 5.42 23.47 28.41
N LEU B 155 5.20 22.19 28.11
CA LEU B 155 3.93 21.53 28.36
C LEU B 155 4.08 20.18 29.05
N GLU B 156 3.15 19.87 29.96
CA GLU B 156 3.14 18.60 30.69
C GLU B 156 1.81 17.91 30.40
N CYS B 157 1.89 16.61 30.15
CA CYS B 157 0.70 15.84 29.82
C CYS B 157 0.89 14.38 30.11
N SER B 158 -0.22 13.65 30.00
CA SER B 158 -0.25 12.22 30.23
C SER B 158 -1.17 11.69 29.18
N ALA B 159 -0.83 10.55 28.60
CA ALA B 159 -1.67 9.99 27.56
C ALA B 159 -2.75 9.13 28.20
N LEU B 160 -2.38 8.41 29.24
CA LEU B 160 -3.29 7.53 29.94
C LEU B 160 -4.61 8.20 30.32
N THR B 161 -4.53 9.37 30.94
CA THR B 161 -5.70 10.12 31.35
C THR B 161 -5.97 11.25 30.36
N GLN B 162 -5.12 11.29 29.34
CA GLN B 162 -5.17 12.28 28.26
C GLN B 162 -5.44 13.71 28.69
N ARG B 163 -4.77 14.14 29.76
CA ARG B 163 -4.92 15.50 30.27
C ARG B 163 -3.88 16.44 29.63
N GLY B 164 -4.32 17.58 29.15
CA GLY B 164 -3.39 18.52 28.52
C GLY B 164 -2.83 18.01 27.21
N LEU B 165 -3.15 16.76 26.88
CA LEU B 165 -2.67 16.14 25.65
C LEU B 165 -3.18 16.99 24.47
N LYS B 166 -4.29 17.67 24.71
CA LYS B 166 -4.94 18.53 23.74
C LYS B 166 -4.10 19.78 23.41
N THR B 167 -3.66 20.50 24.42
CA THR B 167 -2.86 21.70 24.20
C THR B 167 -1.47 21.43 23.61
N VAL B 168 -0.89 20.27 23.87
CA VAL B 168 0.44 19.97 23.33
C VAL B 168 0.45 20.17 21.82
N PHE B 169 -0.58 19.65 21.17
CA PHE B 169 -0.72 19.74 19.72
C PHE B 169 -1.41 21.00 19.24
N ASP B 170 -2.08 21.70 20.15
CA ASP B 170 -2.71 22.97 19.80
C ASP B 170 -1.53 23.94 19.74
N GLU B 171 -0.72 23.89 20.80
CA GLU B 171 0.46 24.72 20.97
C GLU B 171 1.48 24.57 19.86
N ALA B 172 1.74 23.34 19.46
CA ALA B 172 2.71 23.09 18.41
C ALA B 172 2.19 23.70 17.12
N ILE B 173 0.87 23.60 16.94
CA ILE B 173 0.16 24.12 15.78
C ILE B 173 0.20 25.63 15.76
N ARG B 174 0.06 26.22 16.96
CA ARG B 174 0.08 27.67 17.13
C ARG B 174 1.51 28.18 17.04
N ALA B 175 2.49 27.28 17.17
CA ALA B 175 3.90 27.64 17.11
C ALA B 175 4.34 27.83 15.66
N VAL B 176 3.77 27.05 14.76
CA VAL B 176 4.10 27.14 13.34
C VAL B 176 3.17 28.22 12.76
N LEU B 177 1.99 28.27 13.33
CA LEU B 177 0.95 29.21 12.94
C LEU B 177 1.01 30.66 13.52
N CYS B 178 1.85 31.51 12.92
CA CYS B 178 1.92 32.97 13.16
C CYS B 178 2.80 33.56 14.30
N PRO B 179 3.63 32.84 15.09
CA PRO B 179 4.57 33.53 16.01
C PRO B 179 5.57 34.31 15.16
N PRO B 180 6.16 35.44 15.59
CA PRO B 180 7.13 36.16 14.74
C PRO B 180 8.37 35.39 14.41
N PRO B 181 8.37 34.66 13.27
CA PRO B 181 9.57 33.91 12.84
C PRO B 181 10.74 34.81 12.38
N VAL B 182 10.56 36.13 12.45
CA VAL B 182 11.61 37.07 12.05
C VAL B 182 11.60 38.49 12.66
N LYS B 183 12.79 39.09 12.64
CA LYS B 183 13.07 40.42 13.15
C LYS B 183 13.93 41.22 12.15
N LYS B 184 14.93 40.54 11.56
CA LYS B 184 15.83 41.13 10.58
C LYS B 184 16.79 40.10 9.94
N ARG B 185 16.67 39.92 8.63
CA ARG B 185 17.53 38.99 7.89
C ARG B 185 18.83 39.70 7.56
N LYS B 186 19.47 40.20 8.61
CA LYS B 186 20.73 40.97 8.56
C LYS B 186 22.02 40.32 8.05
N ARG B 187 22.31 40.52 6.77
CA ARG B 187 23.51 40.02 6.12
C ARG B 187 23.78 41.09 5.07
N LYS B 188 23.21 42.27 5.33
CA LYS B 188 23.33 43.43 4.45
C LYS B 188 24.02 44.59 5.16
N CYS B 189 23.27 45.23 6.05
CA CYS B 189 23.72 46.38 6.85
C CYS B 189 23.90 47.66 6.02
N GLU C 9 6.43 10.35 -25.30
CA GLU C 9 6.94 11.38 -24.42
C GLU C 9 7.95 10.80 -23.43
N GLN C 10 8.66 11.68 -22.73
CA GLN C 10 9.65 11.26 -21.74
C GLN C 10 9.02 10.31 -20.72
N LEU C 11 9.56 9.11 -20.63
CA LEU C 11 9.05 8.11 -19.70
C LEU C 11 10.16 7.52 -18.84
N ALA C 12 10.62 8.28 -17.86
CA ALA C 12 11.68 7.84 -16.97
C ALA C 12 11.05 7.36 -15.66
N GLN C 13 9.83 7.81 -15.41
CA GLN C 13 9.07 7.46 -14.22
C GLN C 13 8.48 6.06 -14.34
N ILE C 14 7.81 5.80 -15.45
CA ILE C 14 7.19 4.51 -15.74
C ILE C 14 8.16 3.34 -15.66
N ALA C 15 8.24 2.77 -14.46
CA ALA C 15 9.04 1.64 -14.12
C ALA C 15 8.45 1.23 -12.82
N ALA C 16 7.19 1.60 -12.61
CA ALA C 16 6.63 1.64 -11.28
C ALA C 16 5.15 1.77 -11.57
N GLU C 17 4.52 0.67 -11.98
CA GLU C 17 3.09 0.68 -12.25
C GLU C 17 2.44 0.43 -10.90
N ASN C 18 2.85 1.24 -9.93
CA ASN C 18 2.37 1.15 -8.57
C ASN C 18 2.69 -0.27 -8.09
N GLU C 19 2.14 -0.63 -6.95
CA GLU C 19 2.38 -1.95 -6.39
C GLU C 19 1.72 -2.94 -7.34
N GLU C 20 1.95 -4.20 -7.18
CA GLU C 20 1.43 -5.25 -8.01
C GLU C 20 -0.06 -4.95 -8.20
N ASP C 21 -0.70 -4.46 -7.13
CA ASP C 21 -2.13 -4.16 -7.16
C ASP C 21 -2.85 -5.49 -7.32
N GLU C 22 -2.28 -6.53 -6.72
CA GLU C 22 -2.81 -7.88 -6.78
C GLU C 22 -3.68 -8.27 -5.58
N HIS C 23 -4.39 -9.38 -5.74
CA HIS C 23 -5.27 -9.92 -4.72
C HIS C 23 -5.41 -11.42 -4.98
N SER C 24 -4.28 -12.06 -5.27
CA SER C 24 -4.24 -13.50 -5.55
C SER C 24 -4.75 -14.32 -4.36
N VAL C 25 -5.62 -15.29 -4.62
CA VAL C 25 -6.16 -16.14 -3.56
C VAL C 25 -5.36 -17.44 -3.53
N ASN C 26 -4.89 -17.82 -2.34
CA ASN C 26 -4.10 -19.04 -2.18
C ASN C 26 -4.89 -20.30 -2.57
N TYR C 27 -4.78 -20.69 -3.83
CA TYR C 27 -5.49 -21.83 -4.36
C TYR C 27 -4.56 -22.91 -4.90
N LYS C 28 -4.69 -24.11 -4.34
CA LYS C 28 -3.88 -25.25 -4.73
C LYS C 28 -4.46 -25.91 -5.99
N PRO C 29 -3.67 -25.97 -7.08
CA PRO C 29 -4.16 -26.61 -8.31
C PRO C 29 -4.47 -28.08 -8.08
N PRO C 30 -5.50 -28.60 -8.76
CA PRO C 30 -5.97 -29.99 -8.69
C PRO C 30 -4.97 -31.02 -9.21
N ALA C 31 -4.81 -32.13 -8.49
CA ALA C 31 -3.88 -33.18 -8.90
C ALA C 31 -4.27 -33.56 -10.32
N GLN C 32 -3.34 -34.14 -11.08
CA GLN C 32 -3.66 -34.48 -12.45
C GLN C 32 -4.38 -35.81 -12.58
N LYS C 33 -5.64 -35.74 -12.99
CA LYS C 33 -6.49 -36.91 -13.16
C LYS C 33 -7.16 -36.87 -14.54
N SER C 34 -7.24 -38.01 -15.21
CA SER C 34 -7.83 -38.08 -16.55
C SER C 34 -9.35 -38.38 -16.59
N ILE C 35 -10.00 -37.99 -17.67
CA ILE C 35 -11.44 -38.23 -17.78
C ILE C 35 -11.78 -39.68 -17.53
N GLN C 36 -11.00 -40.61 -18.05
CA GLN C 36 -11.27 -42.03 -17.88
C GLN C 36 -11.20 -42.38 -16.37
N GLU C 37 -10.15 -41.87 -15.73
CA GLU C 37 -9.99 -42.14 -14.30
C GLU C 37 -11.16 -41.51 -13.56
N ILE C 38 -11.71 -40.43 -14.11
CA ILE C 38 -12.83 -39.73 -13.51
C ILE C 38 -14.14 -40.52 -13.63
N GLN C 39 -14.42 -41.11 -14.81
CA GLN C 39 -15.65 -41.86 -15.02
C GLN C 39 -15.57 -43.24 -14.38
N GLU C 40 -14.34 -43.75 -14.21
CA GLU C 40 -14.23 -45.07 -13.56
C GLU C 40 -14.21 -44.98 -12.02
N LEU C 41 -14.44 -43.76 -11.48
CA LEU C 41 -14.36 -43.41 -10.03
C LEU C 41 -15.38 -44.14 -9.15
N ASP C 42 -16.58 -43.55 -9.18
CA ASP C 42 -17.78 -44.01 -8.44
C ASP C 42 -18.86 -44.39 -9.46
N LYS C 43 -18.64 -45.49 -10.12
CA LYS C 43 -19.52 -45.93 -11.20
C LYS C 43 -20.81 -46.57 -10.73
N ASP C 44 -20.92 -46.83 -9.45
CA ASP C 44 -22.15 -47.44 -8.96
C ASP C 44 -23.11 -46.35 -8.51
N ASP C 45 -22.59 -45.12 -8.40
CA ASP C 45 -23.37 -43.96 -7.96
C ASP C 45 -24.05 -43.32 -9.17
N GLU C 46 -25.33 -43.61 -9.37
CA GLU C 46 -26.11 -43.06 -10.47
C GLU C 46 -26.01 -41.53 -10.59
N SER C 47 -26.35 -40.83 -9.51
CA SER C 47 -26.32 -39.37 -9.51
C SER C 47 -25.00 -38.78 -9.94
N LEU C 48 -23.91 -39.46 -9.60
CA LEU C 48 -22.57 -39.00 -9.94
C LEU C 48 -22.35 -39.09 -11.42
N ARG C 49 -22.90 -40.15 -12.00
CA ARG C 49 -22.79 -40.36 -13.42
C ARG C 49 -23.58 -39.27 -14.15
N LYS C 50 -24.78 -38.96 -13.62
CA LYS C 50 -25.62 -37.94 -14.24
C LYS C 50 -24.93 -36.60 -14.12
N TYR C 51 -24.12 -36.51 -13.06
CA TYR C 51 -23.38 -35.30 -12.73
C TYR C 51 -22.19 -35.16 -13.69
N LYS C 52 -21.50 -36.27 -13.93
CA LYS C 52 -20.36 -36.29 -14.83
C LYS C 52 -20.83 -36.12 -16.28
N GLU C 53 -21.98 -36.70 -16.61
CA GLU C 53 -22.54 -36.56 -17.94
C GLU C 53 -23.01 -35.12 -18.15
N ALA C 54 -23.64 -34.53 -17.14
CA ALA C 54 -24.12 -33.15 -17.25
C ALA C 54 -22.96 -32.18 -17.48
N LEU C 55 -21.78 -32.60 -17.06
CA LEU C 55 -20.58 -31.78 -17.17
C LEU C 55 -19.59 -32.10 -18.30
N LEU C 56 -19.62 -33.32 -18.82
CA LEU C 56 -18.68 -33.72 -19.87
C LEU C 56 -19.31 -34.13 -21.20
N GLY C 57 -20.39 -34.88 -21.16
CA GLY C 57 -21.05 -35.27 -22.39
C GLY C 57 -20.62 -36.55 -23.08
N ARG C 58 -20.74 -36.57 -24.41
CA ARG C 58 -20.38 -37.74 -25.22
C ARG C 58 -19.78 -37.47 -26.58
N ASN C 66 -2.81 -35.22 -34.63
CA ASN C 66 -1.60 -34.43 -34.43
C ASN C 66 -1.95 -33.12 -33.75
N VAL C 67 -2.78 -33.20 -32.70
CA VAL C 67 -3.20 -32.00 -31.98
C VAL C 67 -3.01 -32.05 -30.46
N PRO C 68 -2.58 -30.92 -29.85
CA PRO C 68 -2.35 -30.81 -28.40
C PRO C 68 -3.71 -30.77 -27.69
N ASN C 69 -3.73 -30.64 -26.37
CA ASN C 69 -5.02 -30.63 -25.70
C ASN C 69 -5.86 -29.39 -25.96
N VAL C 70 -5.27 -28.21 -25.84
CA VAL C 70 -6.00 -26.96 -26.09
C VAL C 70 -5.45 -26.25 -27.30
N VAL C 71 -6.32 -25.47 -27.95
CA VAL C 71 -5.93 -24.73 -29.13
C VAL C 71 -6.71 -23.43 -29.20
N VAL C 72 -6.02 -22.31 -29.05
CA VAL C 72 -6.67 -21.02 -29.10
C VAL C 72 -6.89 -20.66 -30.56
N THR C 73 -8.14 -20.48 -30.96
CA THR C 73 -8.45 -20.13 -32.33
C THR C 73 -8.13 -18.67 -32.58
N GLY C 74 -8.68 -17.79 -31.75
CA GLY C 74 -8.39 -16.39 -31.94
C GLY C 74 -8.97 -15.45 -30.90
N LEU C 75 -8.31 -14.30 -30.76
CA LEU C 75 -8.75 -13.27 -29.84
C LEU C 75 -9.49 -12.27 -30.70
N THR C 76 -10.62 -11.79 -30.22
CA THR C 76 -11.42 -10.80 -30.93
C THR C 76 -11.64 -9.65 -29.98
N LEU C 77 -11.36 -8.45 -30.45
CA LEU C 77 -11.53 -7.28 -29.60
C LEU C 77 -12.91 -6.67 -29.79
N VAL C 78 -13.79 -6.91 -28.82
CA VAL C 78 -15.14 -6.39 -28.87
C VAL C 78 -15.08 -4.91 -28.49
N CYS C 79 -15.17 -4.06 -29.50
CA CYS C 79 -15.17 -2.61 -29.32
C CYS C 79 -16.53 -2.10 -29.77
N SER C 80 -17.24 -1.43 -28.86
CA SER C 80 -18.58 -0.93 -29.18
C SER C 80 -18.62 0.48 -29.77
N SER C 81 -17.71 0.79 -30.71
CA SER C 81 -17.71 2.16 -31.29
C SER C 81 -17.46 2.06 -32.79
N ALA C 82 -16.32 1.55 -33.23
CA ALA C 82 -15.95 1.50 -34.66
C ALA C 82 -16.32 0.18 -35.36
N PRO C 83 -17.08 0.24 -36.48
CA PRO C 83 -17.54 -0.96 -37.18
C PRO C 83 -16.49 -2.01 -37.46
N GLY C 84 -16.91 -3.11 -38.08
CA GLY C 84 -15.99 -4.18 -38.47
C GLY C 84 -15.65 -4.89 -37.17
N PRO C 85 -15.27 -6.18 -37.21
CA PRO C 85 -14.67 -6.85 -36.06
C PRO C 85 -13.27 -6.25 -35.77
N LEU C 86 -12.41 -7.01 -35.02
CA LEU C 86 -11.01 -6.78 -34.67
C LEU C 86 -10.40 -8.09 -34.18
N GLU C 87 -9.79 -8.84 -35.05
CA GLU C 87 -9.31 -10.15 -34.61
C GLU C 87 -7.81 -10.36 -34.81
N LEU C 88 -7.35 -11.53 -34.39
CA LEU C 88 -5.97 -11.94 -34.53
C LEU C 88 -6.06 -13.44 -34.81
N ASP C 89 -5.53 -13.90 -35.93
CA ASP C 89 -5.58 -15.31 -36.26
C ASP C 89 -4.42 -16.05 -35.60
N LEU C 90 -4.64 -16.44 -34.33
CA LEU C 90 -3.65 -17.15 -33.54
C LEU C 90 -3.26 -18.51 -34.10
N THR C 91 -3.40 -18.68 -35.41
CA THR C 91 -3.06 -19.95 -36.03
C THR C 91 -1.88 -19.86 -37.01
N GLY C 92 -0.83 -20.63 -36.72
CA GLY C 92 0.34 -20.64 -37.58
C GLY C 92 1.26 -19.45 -37.41
N ASP C 93 1.64 -18.84 -38.52
CA ASP C 93 2.53 -17.68 -38.55
C ASP C 93 2.21 -16.62 -37.49
N LEU C 94 3.08 -16.50 -36.51
CA LEU C 94 2.89 -15.51 -35.45
C LEU C 94 3.96 -14.43 -35.47
N GLU C 95 5.08 -14.69 -36.12
CA GLU C 95 6.16 -13.71 -36.19
C GLU C 95 5.63 -12.39 -36.76
N SER C 96 4.73 -12.52 -37.72
CA SER C 96 4.12 -11.36 -38.36
C SER C 96 3.64 -10.30 -37.36
N PHE C 97 3.14 -10.75 -36.22
CA PHE C 97 2.65 -9.86 -35.17
C PHE C 97 3.69 -8.86 -34.71
N LYS C 98 4.96 -9.23 -34.85
CA LYS C 98 6.05 -8.37 -34.42
C LYS C 98 6.26 -7.14 -35.31
N LYS C 99 5.65 -7.17 -36.49
CA LYS C 99 5.76 -6.04 -37.41
C LYS C 99 4.38 -5.45 -37.68
N GLN C 100 3.35 -6.15 -37.19
CA GLN C 100 1.97 -5.70 -37.35
C GLN C 100 1.72 -4.61 -36.31
N SER C 101 1.05 -3.56 -36.72
CA SER C 101 0.77 -2.48 -35.79
C SER C 101 -0.71 -2.42 -35.52
N PHE C 102 -1.06 -2.18 -34.26
CA PHE C 102 -2.46 -2.10 -33.91
C PHE C 102 -2.78 -0.84 -33.15
N VAL C 103 -3.87 -0.18 -33.53
CA VAL C 103 -4.29 1.04 -32.87
C VAL C 103 -5.60 0.81 -32.14
N LEU C 104 -5.86 1.67 -31.16
CA LEU C 104 -7.07 1.60 -30.35
C LEU C 104 -7.30 2.99 -29.78
N LYS C 105 -8.42 3.61 -30.13
CA LYS C 105 -8.72 4.95 -29.64
C LYS C 105 -8.59 5.05 -28.12
N GLU C 106 -8.42 6.27 -27.64
CA GLU C 106 -8.24 6.58 -26.21
C GLU C 106 -9.44 6.23 -25.32
N GLY C 107 -9.12 5.75 -24.12
CA GLY C 107 -10.12 5.37 -23.14
C GLY C 107 -11.47 4.85 -23.63
N VAL C 108 -11.46 3.94 -24.58
CA VAL C 108 -12.71 3.38 -25.11
C VAL C 108 -13.17 2.18 -24.26
N GLU C 109 -14.47 1.92 -24.27
CA GLU C 109 -15.02 0.79 -23.52
C GLU C 109 -14.90 -0.46 -24.39
N TYR C 110 -14.10 -1.41 -23.91
CA TYR C 110 -13.92 -2.65 -24.66
C TYR C 110 -13.92 -3.91 -23.81
N ARG C 111 -13.72 -5.04 -24.47
CA ARG C 111 -13.68 -6.35 -23.82
C ARG C 111 -13.13 -7.33 -24.86
N ILE C 112 -12.47 -8.36 -24.39
CA ILE C 112 -11.87 -9.36 -25.27
C ILE C 112 -12.73 -10.60 -25.35
N LYS C 113 -12.73 -11.22 -26.54
CA LYS C 113 -13.49 -12.44 -26.75
C LYS C 113 -12.51 -13.55 -27.10
N ILE C 114 -12.19 -14.38 -26.12
CA ILE C 114 -11.28 -15.49 -26.34
C ILE C 114 -12.05 -16.72 -26.84
N SER C 115 -11.66 -17.24 -27.99
CA SER C 115 -12.29 -18.41 -28.52
C SER C 115 -11.27 -19.52 -28.64
N PHE C 116 -11.57 -20.68 -28.05
CA PHE C 116 -10.64 -21.80 -28.04
C PHE C 116 -11.39 -23.08 -28.26
N ARG C 117 -10.61 -24.13 -28.23
CA ARG C 117 -11.12 -25.44 -28.44
C ARG C 117 -10.33 -26.43 -27.58
N VAL C 118 -11.05 -27.30 -26.87
CA VAL C 118 -10.44 -28.30 -26.00
C VAL C 118 -10.59 -29.65 -26.72
N ASN C 119 -9.51 -30.43 -26.72
CA ASN C 119 -9.52 -31.70 -27.44
C ASN C 119 -9.64 -33.02 -26.68
N ARG C 120 -8.57 -33.41 -25.99
CA ARG C 120 -8.56 -34.69 -25.28
C ARG C 120 -8.94 -34.68 -23.78
N GLU C 121 -8.12 -34.04 -22.94
CA GLU C 121 -8.33 -33.94 -21.50
C GLU C 121 -9.06 -32.65 -21.08
N ILE C 122 -9.11 -32.39 -19.78
CA ILE C 122 -9.72 -31.19 -19.19
C ILE C 122 -8.68 -30.07 -19.02
N VAL C 123 -9.10 -28.83 -19.28
CA VAL C 123 -8.20 -27.69 -19.09
C VAL C 123 -8.59 -27.14 -17.73
N SER C 124 -7.70 -27.22 -16.76
CA SER C 124 -8.03 -26.71 -15.46
C SER C 124 -7.55 -25.28 -15.24
N GLY C 125 -8.47 -24.38 -14.97
CA GLY C 125 -8.10 -23.02 -14.70
C GLY C 125 -7.33 -22.36 -15.83
N MET C 126 -7.89 -22.38 -17.03
CA MET C 126 -7.18 -21.77 -18.13
C MET C 126 -7.21 -20.25 -17.96
N LYS C 127 -6.12 -19.59 -18.26
CA LYS C 127 -6.08 -18.14 -18.10
C LYS C 127 -5.25 -17.44 -19.16
N TYR C 128 -5.62 -16.18 -19.41
CA TYR C 128 -4.92 -15.35 -20.38
C TYR C 128 -4.09 -14.32 -19.63
N ILE C 129 -2.77 -14.39 -19.77
CA ILE C 129 -1.88 -13.44 -19.10
C ILE C 129 -1.31 -12.46 -20.12
N GLN C 130 -1.47 -11.17 -19.85
CA GLN C 130 -1.02 -10.12 -20.77
C GLN C 130 -0.09 -9.09 -20.17
N HIS C 131 1.21 -9.22 -20.46
CA HIS C 131 2.21 -8.29 -19.96
C HIS C 131 2.36 -7.11 -20.93
N THR C 132 2.24 -5.90 -20.40
CA THR C 132 2.38 -4.69 -21.22
C THR C 132 3.77 -4.08 -21.04
N TYR C 133 4.39 -3.72 -22.16
CA TYR C 133 5.71 -3.12 -22.14
C TYR C 133 5.79 -1.78 -22.83
N ARG C 134 6.72 -0.98 -22.36
CA ARG C 134 7.00 0.34 -22.90
C ARG C 134 8.49 0.58 -22.73
N LYS C 135 9.26 0.10 -23.71
CA LYS C 135 10.71 0.23 -23.70
C LYS C 135 11.32 -0.72 -22.67
N GLY C 136 11.02 -2.01 -22.83
CA GLY C 136 11.56 -3.00 -21.92
C GLY C 136 11.19 -2.75 -20.46
N VAL C 137 10.02 -2.18 -20.24
CA VAL C 137 9.59 -1.89 -18.88
C VAL C 137 8.17 -2.39 -18.67
N LYS C 138 8.05 -3.60 -18.11
CA LYS C 138 6.75 -4.21 -17.83
C LYS C 138 6.00 -3.28 -16.89
N ILE C 139 4.99 -2.60 -17.44
CA ILE C 139 4.20 -1.68 -16.66
C ILE C 139 2.81 -2.20 -16.39
N ASP C 140 2.70 -3.53 -16.36
CA ASP C 140 1.43 -4.20 -16.09
C ASP C 140 1.39 -5.70 -16.27
N LYS C 141 0.63 -6.32 -15.39
CA LYS C 141 0.48 -7.77 -15.49
C LYS C 141 -0.99 -7.97 -15.18
N THR C 142 -1.76 -8.39 -16.17
CA THR C 142 -3.18 -8.61 -15.96
C THR C 142 -3.48 -10.08 -16.23
N ASP C 143 -4.32 -10.65 -15.37
CA ASP C 143 -4.71 -12.05 -15.50
C ASP C 143 -6.20 -12.13 -15.75
N TYR C 144 -6.55 -12.96 -16.72
CA TYR C 144 -7.95 -13.16 -17.09
C TYR C 144 -8.28 -14.61 -16.90
N MET C 145 -9.05 -14.88 -15.86
CA MET C 145 -9.42 -16.26 -15.58
C MET C 145 -10.49 -16.69 -16.58
N VAL C 146 -10.18 -17.64 -17.45
CA VAL C 146 -11.13 -18.13 -18.45
C VAL C 146 -11.91 -19.31 -17.87
N GLY C 147 -11.24 -20.16 -17.10
CA GLY C 147 -11.93 -21.28 -16.49
C GLY C 147 -11.58 -22.68 -16.92
N SER C 148 -12.28 -23.65 -16.33
CA SER C 148 -12.06 -25.06 -16.62
C SER C 148 -13.10 -25.53 -17.61
N TYR C 149 -12.70 -26.41 -18.52
CA TYR C 149 -13.62 -26.93 -19.51
C TYR C 149 -13.28 -28.36 -19.89
N GLY C 150 -14.27 -29.04 -20.46
CA GLY C 150 -14.08 -30.41 -20.88
C GLY C 150 -13.95 -30.45 -22.41
N PRO C 151 -13.41 -31.55 -22.92
CA PRO C 151 -13.20 -31.77 -24.35
C PRO C 151 -14.52 -31.84 -25.12
N ARG C 152 -14.50 -31.36 -26.34
CA ARG C 152 -15.68 -31.38 -27.18
C ARG C 152 -15.31 -30.84 -28.55
N ALA C 153 -16.21 -31.01 -29.52
CA ALA C 153 -15.97 -30.55 -30.88
C ALA C 153 -16.29 -29.07 -31.04
N GLU C 154 -17.42 -28.65 -30.49
CA GLU C 154 -17.85 -27.25 -30.56
C GLU C 154 -16.85 -26.42 -29.76
N GLU C 155 -16.24 -25.42 -30.41
CA GLU C 155 -15.26 -24.58 -29.74
C GLU C 155 -15.95 -23.86 -28.61
N TYR C 156 -15.16 -23.19 -27.78
CA TYR C 156 -15.69 -22.43 -26.67
C TYR C 156 -15.42 -20.97 -26.91
N GLU C 157 -16.26 -20.12 -26.32
CA GLU C 157 -16.10 -18.68 -26.47
C GLU C 157 -16.25 -18.08 -25.07
N PHE C 158 -15.30 -17.26 -24.66
CA PHE C 158 -15.36 -16.61 -23.35
C PHE C 158 -15.12 -15.11 -23.45
N LEU C 159 -16.05 -14.30 -22.94
CA LEU C 159 -15.91 -12.84 -22.94
C LEU C 159 -15.32 -12.34 -21.62
N THR C 160 -14.35 -11.44 -21.72
CA THR C 160 -13.73 -10.89 -20.53
C THR C 160 -14.62 -9.76 -20.02
N PRO C 161 -14.46 -9.39 -18.74
CA PRO C 161 -15.30 -8.31 -18.22
C PRO C 161 -15.12 -6.96 -18.95
N VAL C 162 -16.20 -6.18 -19.02
CA VAL C 162 -16.20 -4.86 -19.67
C VAL C 162 -15.03 -4.05 -19.17
N GLU C 163 -14.41 -3.27 -20.06
CA GLU C 163 -13.24 -2.47 -19.68
C GLU C 163 -13.06 -1.13 -20.37
N GLU C 164 -12.04 -0.40 -19.94
CA GLU C 164 -11.73 0.91 -20.50
C GLU C 164 -10.23 1.09 -20.72
N ALA C 165 -9.87 1.36 -21.98
CA ALA C 165 -8.49 1.57 -22.35
C ALA C 165 -7.96 2.78 -21.59
N PRO C 166 -6.65 2.87 -21.43
CA PRO C 166 -6.07 4.00 -20.70
C PRO C 166 -6.39 5.38 -21.29
N LYS C 167 -5.99 6.39 -20.58
CA LYS C 167 -6.04 7.79 -21.01
C LYS C 167 -4.69 8.01 -21.64
N GLY C 168 -4.45 9.19 -22.21
CA GLY C 168 -3.16 9.37 -22.83
C GLY C 168 -2.58 10.75 -23.10
N MET C 169 -2.70 11.66 -22.15
CA MET C 169 -2.08 12.93 -22.33
C MET C 169 -0.68 12.68 -21.90
N LEU C 170 -0.48 11.41 -21.56
CA LEU C 170 0.79 10.89 -21.10
C LEU C 170 1.08 9.54 -21.73
N ALA C 171 0.25 8.54 -21.45
CA ALA C 171 0.43 7.19 -21.99
C ALA C 171 -0.24 7.01 -23.34
N ARG C 172 0.14 7.85 -24.29
CA ARG C 172 -0.42 7.80 -25.62
C ARG C 172 0.65 7.29 -26.60
N GLY C 173 1.68 6.65 -26.06
CA GLY C 173 2.74 6.12 -26.89
C GLY C 173 2.42 4.72 -27.34
N SER C 174 3.30 4.14 -28.15
CA SER C 174 3.11 2.79 -28.63
C SER C 174 3.68 1.87 -27.56
N TYR C 175 3.12 0.67 -27.46
CA TYR C 175 3.61 -0.26 -26.46
C TYR C 175 3.89 -1.64 -27.03
N SER C 176 4.71 -2.37 -26.30
CA SER C 176 5.07 -3.75 -26.64
C SER C 176 4.17 -4.69 -25.84
N ILE C 177 3.50 -5.61 -26.49
CA ILE C 177 2.61 -6.49 -25.75
C ILE C 177 2.96 -7.97 -25.87
N LYS C 178 3.12 -8.62 -24.73
CA LYS C 178 3.45 -10.05 -24.71
C LYS C 178 2.29 -10.80 -24.08
N SER C 179 1.76 -11.78 -24.79
CA SER C 179 0.63 -12.52 -24.28
C SER C 179 0.85 -14.02 -24.26
N ARG C 180 0.10 -14.72 -23.42
CA ARG C 180 0.21 -16.17 -23.33
C ARG C 180 -1.03 -16.76 -22.66
N PHE C 181 -1.32 -17.99 -23.02
CA PHE C 181 -2.43 -18.70 -22.44
C PHE C 181 -1.87 -19.87 -21.63
N THR C 182 -2.15 -19.94 -20.33
CA THR C 182 -1.65 -21.05 -19.51
C THR C 182 -2.82 -21.49 -18.62
N ASP C 183 -2.54 -22.26 -17.57
CA ASP C 183 -3.58 -22.72 -16.66
C ASP C 183 -2.97 -23.17 -15.35
N ASP C 184 -3.77 -23.89 -14.56
CA ASP C 184 -3.31 -24.37 -13.24
C ASP C 184 -2.16 -25.36 -13.36
N ASP C 185 -2.13 -26.11 -14.47
CA ASP C 185 -1.08 -27.07 -14.72
C ASP C 185 0.15 -26.42 -15.34
N LYS C 186 0.18 -25.09 -15.27
CA LYS C 186 1.29 -24.32 -15.79
C LYS C 186 1.60 -24.62 -17.24
N THR C 187 0.64 -25.19 -17.96
CA THR C 187 0.81 -25.53 -19.37
C THR C 187 0.83 -24.29 -20.26
N ASP C 188 1.81 -24.23 -21.16
CA ASP C 188 1.96 -23.12 -22.11
C ASP C 188 1.26 -23.45 -23.42
N HIS C 189 -0.04 -23.24 -23.47
CA HIS C 189 -0.84 -23.52 -24.66
C HIS C 189 -0.51 -22.64 -25.85
N LEU C 190 -0.22 -21.38 -25.57
CA LEU C 190 0.08 -20.41 -26.62
C LEU C 190 0.87 -19.23 -26.07
N SER C 191 1.45 -18.44 -26.96
CA SER C 191 2.25 -17.28 -26.55
C SER C 191 2.77 -16.54 -27.78
N TRP C 192 2.81 -15.22 -27.69
CA TRP C 192 3.30 -14.40 -28.79
C TRP C 192 3.41 -12.95 -28.34
N GLU C 193 3.98 -12.11 -29.19
CA GLU C 193 4.12 -10.69 -28.87
C GLU C 193 3.61 -9.87 -30.03
N TRP C 194 2.98 -8.74 -29.70
CA TRP C 194 2.44 -7.84 -30.70
C TRP C 194 2.64 -6.41 -30.24
N ASN C 195 2.31 -5.47 -31.13
CA ASN C 195 2.46 -4.06 -30.84
C ASN C 195 1.16 -3.29 -30.98
N LEU C 196 0.81 -2.62 -29.89
CA LEU C 196 -0.41 -1.84 -29.82
C LEU C 196 -0.06 -0.39 -29.57
N THR C 197 -0.91 0.50 -30.08
CA THR C 197 -0.72 1.93 -29.92
C THR C 197 -2.04 2.64 -29.65
N ILE C 198 -1.98 3.64 -28.78
CA ILE C 198 -3.18 4.39 -28.42
C ILE C 198 -3.21 5.78 -29.09
N LYS C 199 -4.15 5.97 -30.01
CA LYS C 199 -4.28 7.25 -30.70
C LYS C 199 -5.36 8.09 -30.05
N LYS C 200 -5.88 9.08 -30.77
CA LYS C 200 -6.94 9.95 -30.27
C LYS C 200 -8.24 9.67 -31.03
N ASP C 201 -8.13 9.51 -32.35
CA ASP C 201 -9.31 9.25 -33.18
C ASP C 201 -9.27 7.80 -33.65
N HIS D 23 25.59 30.25 16.00
CA HIS D 23 25.59 29.21 17.03
C HIS D 23 26.03 27.84 16.58
N SER D 24 26.26 27.04 17.62
CA SER D 24 26.69 25.67 17.45
C SER D 24 26.59 24.81 18.71
N VAL D 25 25.55 23.99 18.78
CA VAL D 25 25.33 23.11 19.94
C VAL D 25 26.20 21.84 19.85
N ASN D 26 26.66 21.35 21.00
CA ASN D 26 27.49 20.16 21.01
C ASN D 26 26.69 18.93 20.60
N TYR D 27 26.72 18.62 19.31
CA TYR D 27 26.04 17.47 18.74
C TYR D 27 27.11 16.44 18.32
N LYS D 28 27.11 15.28 18.96
CA LYS D 28 28.09 14.26 18.61
C LYS D 28 27.63 13.52 17.35
N PRO D 29 28.38 13.63 16.23
CA PRO D 29 27.98 12.94 15.01
C PRO D 29 27.73 11.47 15.18
N PRO D 30 26.62 10.96 14.59
CA PRO D 30 26.26 9.55 14.70
C PRO D 30 27.37 8.64 14.19
N ALA D 31 27.76 7.65 14.98
CA ALA D 31 28.79 6.71 14.58
C ALA D 31 28.48 6.18 13.21
N GLN D 32 29.53 5.72 12.52
CA GLN D 32 29.38 5.18 11.15
C GLN D 32 28.75 3.80 11.02
N LYS D 33 27.50 3.70 10.58
CA LYS D 33 26.81 2.45 10.38
C LYS D 33 26.27 2.45 8.95
N SER D 34 26.20 1.28 8.31
CA SER D 34 25.74 1.22 6.95
C SER D 34 24.30 0.79 6.81
N ILE D 35 23.73 0.99 5.62
CA ILE D 35 22.36 0.62 5.37
C ILE D 35 22.19 -0.86 5.63
N GLN D 36 23.23 -1.61 5.30
CA GLN D 36 23.21 -3.07 5.49
C GLN D 36 23.10 -3.46 6.96
N GLU D 37 24.01 -2.97 7.80
CA GLU D 37 23.99 -3.25 9.23
C GLU D 37 22.67 -2.74 9.82
N ILE D 38 22.04 -1.80 9.11
CA ILE D 38 20.77 -1.20 9.56
C ILE D 38 19.63 -2.17 9.40
N GLN D 39 19.56 -2.74 8.19
CA GLN D 39 18.52 -3.68 7.84
C GLN D 39 18.59 -4.97 8.66
N GLU D 40 19.80 -5.32 9.07
CA GLU D 40 20.01 -6.54 9.85
C GLU D 40 19.87 -6.26 11.34
N LEU D 41 19.36 -5.07 11.67
CA LEU D 41 19.20 -4.70 13.07
C LEU D 41 18.10 -5.47 13.76
N ASP D 42 16.95 -4.84 13.88
CA ASP D 42 15.82 -5.48 14.54
C ASP D 42 14.89 -6.12 13.51
N LYS D 43 15.33 -7.19 12.85
CA LYS D 43 14.49 -7.83 11.85
C LYS D 43 13.24 -8.50 12.44
N ASP D 44 13.29 -8.76 13.75
CA ASP D 44 12.16 -9.38 14.44
C ASP D 44 11.00 -8.38 14.52
N ASP D 45 11.37 -7.14 14.78
CA ASP D 45 10.41 -6.06 14.94
C ASP D 45 9.76 -5.64 13.62
N GLU D 46 8.52 -6.07 13.43
CA GLU D 46 7.77 -5.70 12.22
C GLU D 46 7.74 -4.17 12.09
N SER D 47 7.44 -3.49 13.19
CA SER D 47 7.37 -2.03 13.19
C SER D 47 8.61 -1.33 12.62
N LEU D 48 9.76 -1.61 13.20
CA LEU D 48 11.00 -1.00 12.73
C LEU D 48 11.27 -1.28 11.26
N ARG D 49 10.73 -2.37 10.71
CA ARG D 49 10.93 -2.64 9.30
C ARG D 49 10.06 -1.71 8.46
N LYS D 50 8.84 -1.46 8.94
CA LYS D 50 7.88 -0.58 8.28
C LYS D 50 8.43 0.84 8.32
N TYR D 51 9.13 1.13 9.41
CA TYR D 51 9.72 2.44 9.66
C TYR D 51 10.97 2.67 8.83
N LYS D 52 11.76 1.63 8.64
CA LYS D 52 12.99 1.73 7.87
C LYS D 52 12.62 1.82 6.39
N GLU D 53 11.44 1.29 6.07
CA GLU D 53 10.99 1.27 4.70
C GLU D 53 10.48 2.65 4.32
N ALA D 54 9.84 3.31 5.26
CA ALA D 54 9.32 4.64 5.00
C ALA D 54 10.45 5.63 4.77
N LEU D 55 11.53 5.50 5.56
CA LEU D 55 12.66 6.40 5.47
C LEU D 55 13.71 6.03 4.41
N LEU D 56 13.78 4.75 4.03
CA LEU D 56 14.79 4.32 3.06
C LEU D 56 14.32 3.98 1.66
N GLY D 57 13.10 3.46 1.52
CA GLY D 57 12.60 3.11 0.21
C GLY D 57 12.93 1.67 -0.16
N ARG D 58 12.78 1.31 -1.43
CA ARG D 58 13.05 -0.05 -1.87
C ARG D 58 13.62 -0.10 -3.29
N VAL D 59 14.35 -1.20 -3.49
CA VAL D 59 15.09 -1.55 -4.72
C VAL D 59 16.38 -0.74 -4.73
N ALA D 60 17.38 -1.50 -4.26
CA ALA D 60 18.81 -1.23 -4.10
C ALA D 60 19.31 -0.34 -5.22
N VAL D 61 20.11 0.60 -4.76
CA VAL D 61 20.67 1.61 -5.65
C VAL D 61 21.40 1.10 -6.90
N SER D 62 21.45 1.96 -7.92
CA SER D 62 22.06 1.66 -9.22
C SER D 62 23.56 1.35 -9.30
N ALA D 63 24.36 2.37 -9.64
CA ALA D 63 25.82 2.23 -9.80
C ALA D 63 26.62 2.32 -8.50
N ASP D 64 27.79 1.70 -8.46
CA ASP D 64 28.59 1.63 -7.20
C ASP D 64 30.11 1.93 -7.21
N PRO D 65 30.87 1.43 -8.21
CA PRO D 65 32.30 1.73 -8.07
C PRO D 65 32.70 3.22 -8.10
N ASN D 66 32.81 3.78 -9.29
CA ASN D 66 33.18 5.17 -9.49
C ASN D 66 32.26 6.11 -8.71
N VAL D 67 31.28 6.67 -9.42
CA VAL D 67 30.30 7.60 -8.86
C VAL D 67 30.30 7.59 -7.34
N PRO D 68 30.88 8.62 -6.72
CA PRO D 68 30.96 8.74 -5.27
C PRO D 68 29.58 8.66 -4.60
N ASN D 69 29.57 8.50 -3.27
CA ASN D 69 28.32 8.40 -2.53
C ASN D 69 27.42 9.58 -2.79
N VAL D 70 27.96 10.79 -2.59
CA VAL D 70 27.17 11.99 -2.82
C VAL D 70 27.68 12.76 -4.04
N VAL D 71 26.74 13.34 -4.79
CA VAL D 71 27.05 14.11 -5.99
C VAL D 71 26.11 15.31 -6.08
N VAL D 72 26.69 16.50 -5.99
CA VAL D 72 25.92 17.73 -6.08
C VAL D 72 25.76 18.12 -7.55
N THR D 73 24.54 17.99 -8.07
CA THR D 73 24.27 18.34 -9.46
C THR D 73 24.49 19.82 -9.71
N GLY D 74 23.67 20.65 -9.08
CA GLY D 74 23.78 22.08 -9.26
C GLY D 74 23.14 22.93 -8.19
N LEU D 75 23.45 24.21 -8.23
CA LEU D 75 22.92 25.19 -7.29
C LEU D 75 22.08 26.14 -8.13
N THR D 76 20.86 26.45 -7.68
CA THR D 76 19.96 27.35 -8.43
C THR D 76 19.53 28.51 -7.58
N LEU D 77 19.72 29.73 -8.09
CA LEU D 77 19.32 30.91 -7.34
C LEU D 77 17.87 31.25 -7.62
N VAL D 78 16.99 30.91 -6.68
CA VAL D 78 15.57 31.18 -6.81
C VAL D 78 15.31 32.63 -6.45
N CYS D 79 15.05 33.42 -7.47
CA CYS D 79 14.79 34.85 -7.32
C CYS D 79 13.46 35.16 -7.99
N SER D 80 12.66 36.00 -7.36
CA SER D 80 11.35 36.37 -7.90
C SER D 80 11.44 37.60 -8.79
N SER D 81 12.39 38.50 -8.50
CA SER D 81 12.57 39.79 -9.17
C SER D 81 13.24 39.54 -10.51
N ALA D 82 14.21 38.66 -10.62
CA ALA D 82 14.93 38.43 -11.87
C ALA D 82 14.31 37.32 -12.72
N PRO D 83 14.03 37.62 -14.00
CA PRO D 83 13.43 36.64 -14.93
C PRO D 83 14.39 35.51 -15.28
N GLY D 84 13.82 34.40 -15.77
CA GLY D 84 14.63 33.26 -16.14
C GLY D 84 15.27 32.56 -14.95
N PRO D 85 15.63 31.27 -15.09
CA PRO D 85 16.26 30.44 -14.06
C PRO D 85 17.79 30.56 -14.03
N LEU D 86 18.35 30.89 -12.87
CA LEU D 86 19.80 31.03 -12.72
C LEU D 86 20.39 29.77 -12.09
N GLU D 87 21.49 29.27 -12.63
CA GLU D 87 22.09 28.09 -12.06
C GLU D 87 23.61 27.95 -12.30
N LEU D 88 24.21 26.97 -11.63
CA LEU D 88 25.63 26.69 -11.75
C LEU D 88 25.75 25.17 -11.92
N ASP D 89 26.24 24.70 -13.07
CA ASP D 89 26.36 23.26 -13.23
C ASP D 89 27.68 22.79 -12.63
N LEU D 90 27.63 22.42 -11.36
CA LEU D 90 28.80 21.97 -10.62
C LEU D 90 29.31 20.59 -11.06
N THR D 91 29.23 20.31 -12.36
CA THR D 91 29.71 19.03 -12.90
C THR D 91 30.91 19.26 -13.82
N GLY D 92 32.02 18.63 -13.46
CA GLY D 92 33.22 18.76 -14.26
C GLY D 92 33.97 20.07 -14.12
N ASP D 93 34.27 20.69 -15.26
CA ASP D 93 35.01 21.95 -15.30
C ASP D 93 34.52 22.97 -14.28
N LEU D 94 35.36 23.28 -13.30
CA LEU D 94 34.96 24.24 -12.29
C LEU D 94 35.93 25.41 -12.21
N GLU D 95 37.12 25.24 -12.76
CA GLU D 95 38.10 26.31 -12.75
C GLU D 95 37.44 27.53 -13.39
N SER D 96 36.67 27.27 -14.44
CA SER D 96 35.97 28.33 -15.16
C SER D 96 35.32 29.35 -14.23
N PHE D 97 34.79 28.89 -13.09
CA PHE D 97 34.12 29.79 -12.15
C PHE D 97 34.98 30.92 -11.61
N LYS D 98 36.29 30.75 -11.63
CA LYS D 98 37.20 31.78 -11.12
C LYS D 98 37.34 32.94 -12.09
N LYS D 99 36.78 32.82 -13.28
CA LYS D 99 36.86 33.87 -14.27
C LYS D 99 35.45 34.24 -14.75
N GLN D 100 34.46 33.54 -14.22
CA GLN D 100 33.07 33.82 -14.57
C GLN D 100 32.58 34.83 -13.56
N SER D 101 31.78 35.80 -14.02
CA SER D 101 31.26 36.81 -13.10
C SER D 101 29.76 36.60 -12.89
N PHE D 102 29.31 36.95 -11.70
CA PHE D 102 27.90 36.82 -11.36
C PHE D 102 27.36 38.08 -10.71
N VAL D 103 26.27 38.60 -11.24
CA VAL D 103 25.67 39.80 -10.70
C VAL D 103 24.39 39.40 -9.99
N LEU D 104 23.96 40.25 -9.07
CA LEU D 104 22.74 40.03 -8.32
C LEU D 104 22.28 41.41 -7.82
N LYS D 105 21.09 41.84 -8.26
CA LYS D 105 20.54 43.15 -7.89
C LYS D 105 20.61 43.32 -6.39
N GLU D 106 20.83 44.55 -5.91
CA GLU D 106 20.94 44.76 -4.47
C GLU D 106 19.66 44.54 -3.68
N GLY D 107 19.83 44.06 -2.45
CA GLY D 107 18.72 43.82 -1.56
C GLY D 107 17.50 43.13 -2.13
N VAL D 108 17.69 42.19 -3.05
CA VAL D 108 16.55 41.46 -3.63
C VAL D 108 16.28 40.19 -2.84
N GLU D 109 15.01 39.84 -2.70
CA GLU D 109 14.63 38.66 -1.94
C GLU D 109 14.91 37.39 -2.73
N TYR D 110 15.75 36.50 -2.19
CA TYR D 110 16.09 35.27 -2.90
C TYR D 110 16.09 34.03 -2.02
N ARG D 111 16.44 32.92 -2.65
CA ARG D 111 16.51 31.62 -2.05
C ARG D 111 17.36 30.71 -2.94
N ILE D 112 18.04 29.75 -2.33
CA ILE D 112 18.87 28.85 -3.10
C ILE D 112 18.22 27.48 -3.21
N LYS D 113 18.37 26.84 -4.37
CA LYS D 113 17.81 25.51 -4.56
C LYS D 113 18.94 24.54 -4.78
N ILE D 114 19.26 23.75 -3.75
CA ILE D 114 20.32 22.78 -3.86
C ILE D 114 19.79 21.47 -4.41
N SER D 115 20.46 21.00 -5.42
CA SER D 115 20.05 19.78 -6.07
C SER D 115 21.19 18.80 -6.00
N PHE D 116 20.97 17.70 -5.28
CA PHE D 116 22.01 16.71 -5.14
C PHE D 116 21.46 15.32 -5.41
N ARG D 117 22.33 14.32 -5.31
CA ARG D 117 21.95 12.94 -5.55
C ARG D 117 22.80 12.06 -4.64
N VAL D 118 22.13 11.17 -3.91
CA VAL D 118 22.81 10.26 -3.00
C VAL D 118 22.81 8.87 -3.65
N ASN D 119 23.94 8.19 -3.61
CA ASN D 119 23.99 6.87 -4.30
C ASN D 119 24.16 5.60 -3.48
N ARG D 120 25.22 5.45 -2.70
CA ARG D 120 25.42 4.21 -1.93
C ARG D 120 24.89 4.19 -0.51
N GLU D 121 25.49 4.98 0.37
CA GLU D 121 25.04 5.00 1.77
C GLU D 121 24.27 6.26 2.05
N ILE D 122 24.15 6.56 3.34
CA ILE D 122 23.44 7.73 3.87
C ILE D 122 24.33 8.94 4.10
N VAL D 123 23.80 10.12 3.79
CA VAL D 123 24.54 11.36 4.01
C VAL D 123 24.03 11.92 5.35
N SER D 124 24.91 11.96 6.35
CA SER D 124 24.50 12.44 7.66
C SER D 124 24.76 13.93 7.88
N GLY D 125 23.69 14.70 7.97
CA GLY D 125 23.82 16.13 8.21
C GLY D 125 24.63 16.88 7.18
N MET D 126 24.23 16.76 5.92
CA MET D 126 24.93 17.45 4.84
C MET D 126 24.63 18.94 4.92
N LYS D 127 25.68 19.75 4.96
CA LYS D 127 25.53 21.20 5.02
C LYS D 127 26.30 21.92 3.88
N TYR D 128 25.79 23.08 3.45
CA TYR D 128 26.42 23.89 2.41
C TYR D 128 27.07 25.07 3.13
N ILE D 129 28.40 25.09 3.12
CA ILE D 129 29.16 26.16 3.77
C ILE D 129 29.70 27.17 2.74
N GLN D 130 29.36 28.44 2.96
CA GLN D 130 29.75 29.49 2.06
C GLN D 130 30.48 30.66 2.73
N HIS D 131 31.77 30.76 2.44
CA HIS D 131 32.61 31.86 2.98
C HIS D 131 32.61 32.99 1.94
N THR D 132 32.32 34.21 2.37
CA THR D 132 32.28 35.38 1.48
C THR D 132 33.53 36.24 1.69
N TYR D 133 34.29 36.49 0.62
CA TYR D 133 35.50 37.30 0.74
C TYR D 133 35.46 38.62 -0.02
N ARG D 134 36.19 39.60 0.49
CA ARG D 134 36.30 40.92 -0.13
C ARG D 134 37.72 41.39 0.14
N LYS D 135 38.64 41.03 -0.75
CA LYS D 135 40.04 41.41 -0.62
C LYS D 135 40.73 40.55 0.44
N GLY D 136 40.56 39.24 0.33
CA GLY D 136 41.18 38.35 1.29
C GLY D 136 40.76 38.69 2.72
N VAL D 137 39.47 38.96 2.89
CA VAL D 137 38.86 39.30 4.17
C VAL D 137 37.53 38.57 4.34
N LYS D 138 37.60 37.34 4.89
CA LYS D 138 36.37 36.56 5.11
C LYS D 138 35.41 37.39 5.96
N ILE D 139 34.38 37.94 5.32
CA ILE D 139 33.39 38.78 6.01
C ILE D 139 32.02 38.10 6.21
N ASP D 140 31.99 36.78 6.12
CA ASP D 140 30.74 36.06 6.28
C ASP D 140 30.91 34.56 6.25
N LYS D 141 30.42 33.90 7.29
CA LYS D 141 30.49 32.44 7.40
C LYS D 141 29.04 32.02 7.57
N THR D 142 28.50 31.40 6.55
CA THR D 142 27.13 30.98 6.61
C THR D 142 27.01 29.48 6.39
N ASP D 143 26.28 28.82 7.29
CA ASP D 143 26.05 27.38 7.19
C ASP D 143 24.55 27.09 6.92
N TYR D 144 24.27 26.29 5.88
CA TYR D 144 22.91 25.91 5.49
C TYR D 144 22.79 24.42 5.74
N MET D 145 21.97 24.04 6.70
CA MET D 145 21.77 22.63 7.02
C MET D 145 20.84 22.04 5.99
N VAL D 146 21.36 21.13 5.17
CA VAL D 146 20.57 20.48 4.12
C VAL D 146 19.88 19.24 4.68
N GLY D 147 20.58 18.50 5.54
CA GLY D 147 19.96 17.33 6.15
C GLY D 147 20.51 15.96 5.81
N SER D 148 19.92 14.95 6.44
CA SER D 148 20.30 13.56 6.23
C SER D 148 19.39 12.91 5.20
N TYR D 149 19.99 12.13 4.30
CA TYR D 149 19.21 11.47 3.27
C TYR D 149 19.66 10.05 2.95
N GLY D 150 18.76 9.29 2.36
CA GLY D 150 19.06 7.93 2.00
C GLY D 150 19.34 7.81 0.51
N PRO D 151 20.00 6.71 0.09
CA PRO D 151 20.36 6.44 -1.30
C PRO D 151 19.12 6.25 -2.15
N ARG D 152 19.20 6.61 -3.42
CA ARG D 152 18.08 6.43 -4.33
C ARG D 152 18.49 7.00 -5.67
N ALA D 153 17.70 6.74 -6.71
CA ALA D 153 18.01 7.22 -8.03
C ALA D 153 17.47 8.62 -8.29
N GLU D 154 16.24 8.88 -7.87
CA GLU D 154 15.68 10.21 -8.08
C GLU D 154 16.50 11.16 -7.22
N GLU D 155 17.04 12.20 -7.83
CA GLU D 155 17.86 13.17 -7.12
C GLU D 155 17.05 13.90 -6.06
N TYR D 156 17.74 14.70 -5.26
CA TYR D 156 17.10 15.47 -4.20
C TYR D 156 17.15 16.97 -4.49
N GLU D 157 16.16 17.69 -3.98
CA GLU D 157 16.09 19.14 -4.14
C GLU D 157 15.76 19.76 -2.78
N PHE D 158 16.67 20.61 -2.32
CA PHE D 158 16.53 21.31 -1.03
C PHE D 158 16.59 22.82 -1.21
N LEU D 159 15.51 23.51 -0.87
CA LEU D 159 15.46 24.96 -0.97
C LEU D 159 15.83 25.56 0.38
N THR D 160 16.63 26.61 0.38
CA THR D 160 17.05 27.26 1.62
C THR D 160 15.99 28.30 2.09
N PRO D 161 16.15 28.86 3.30
CA PRO D 161 15.21 29.86 3.84
C PRO D 161 15.21 31.08 2.95
N VAL D 162 14.05 31.73 2.81
CA VAL D 162 13.98 32.92 1.98
C VAL D 162 14.92 33.93 2.61
N GLU D 163 15.66 34.67 1.79
CA GLU D 163 16.60 35.69 2.30
C GLU D 163 16.64 36.95 1.46
N GLU D 164 17.45 37.90 1.92
CA GLU D 164 17.62 39.17 1.21
C GLU D 164 19.08 39.54 1.04
N ALA D 165 19.45 39.89 -0.19
CA ALA D 165 20.82 40.26 -0.49
C ALA D 165 21.11 41.53 0.27
N PRO D 166 22.40 41.80 0.54
CA PRO D 166 22.74 43.01 1.27
C PRO D 166 22.38 44.32 0.55
N LYS D 167 22.71 45.45 1.19
CA LYS D 167 22.47 46.75 0.58
C LYS D 167 23.86 47.13 0.06
N GLY D 168 23.94 48.05 -0.90
CA GLY D 168 25.23 48.39 -1.47
C GLY D 168 25.73 49.83 -1.43
N MET D 169 25.24 50.63 -0.50
CA MET D 169 25.73 52.01 -0.42
C MET D 169 27.13 51.87 0.16
N LEU D 170 27.51 50.61 0.39
CA LEU D 170 28.81 50.25 0.94
C LEU D 170 29.29 48.93 0.33
N ALA D 171 28.46 47.90 0.52
CA ALA D 171 28.75 46.56 0.05
C ALA D 171 28.27 46.31 -1.38
N ARG D 172 28.48 47.27 -2.28
CA ARG D 172 28.05 47.07 -3.66
C ARG D 172 29.26 46.89 -4.56
N GLY D 173 30.28 46.19 -4.06
CA GLY D 173 31.46 45.88 -4.86
C GLY D 173 31.41 44.43 -5.31
N SER D 174 32.55 43.90 -5.73
CA SER D 174 32.60 42.52 -6.14
C SER D 174 33.22 41.70 -5.02
N TYR D 175 32.79 40.44 -4.85
CA TYR D 175 33.30 39.56 -3.80
C TYR D 175 33.79 38.24 -4.35
N SER D 176 34.73 37.72 -3.64
CA SER D 176 35.21 36.37 -3.93
C SER D 176 34.44 35.39 -3.05
N ILE D 177 33.86 34.38 -3.60
CA ILE D 177 33.07 33.46 -2.79
C ILE D 177 33.56 32.02 -2.87
N LYS D 178 33.84 31.41 -1.72
CA LYS D 178 34.30 30.03 -1.63
C LYS D 178 33.19 29.19 -1.02
N SER D 179 32.84 28.09 -1.69
CA SER D 179 31.76 27.26 -1.21
C SER D 179 32.16 25.78 -1.19
N ARG D 180 31.52 25.00 -0.31
CA ARG D 180 31.79 23.59 -0.23
C ARG D 180 30.62 22.89 0.46
N PHE D 181 30.48 21.59 0.19
CA PHE D 181 29.43 20.77 0.78
C PHE D 181 30.05 19.68 1.63
N THR D 182 29.76 19.74 2.92
CA THR D 182 30.29 18.76 3.86
C THR D 182 29.13 18.11 4.63
N ASP D 183 29.46 17.34 5.64
CA ASP D 183 28.45 16.68 6.44
C ASP D 183 29.00 16.46 7.84
N ASP D 184 28.30 15.64 8.62
CA ASP D 184 28.72 15.35 9.99
C ASP D 184 29.99 14.51 9.99
N ASP D 185 30.18 13.71 8.94
CA ASP D 185 31.36 12.88 8.87
C ASP D 185 32.50 13.68 8.24
N LYS D 186 32.38 15.01 8.26
CA LYS D 186 33.40 15.89 7.70
C LYS D 186 33.77 15.61 6.24
N THR D 187 32.96 14.84 5.53
CA THR D 187 33.24 14.54 4.14
C THR D 187 33.22 15.78 3.25
N ASP D 188 34.19 15.89 2.35
CA ASP D 188 34.21 17.04 1.44
C ASP D 188 33.70 16.55 0.10
N HIS D 189 32.37 16.62 -0.08
CA HIS D 189 31.73 16.18 -1.31
C HIS D 189 32.06 17.09 -2.48
N LEU D 190 32.12 18.39 -2.24
CA LEU D 190 32.46 19.34 -3.30
C LEU D 190 33.02 20.62 -2.74
N SER D 191 33.63 21.41 -3.62
CA SER D 191 34.20 22.68 -3.23
C SER D 191 34.60 23.46 -4.48
N TRP D 192 34.58 24.78 -4.39
CA TRP D 192 34.95 25.63 -5.51
C TRP D 192 34.89 27.09 -5.11
N GLU D 193 35.37 27.96 -6.00
CA GLU D 193 35.36 29.39 -5.75
C GLU D 193 34.79 30.11 -6.97
N TRP D 194 34.03 31.18 -6.71
CA TRP D 194 33.43 31.93 -7.79
C TRP D 194 33.38 33.39 -7.40
N ASN D 195 32.95 34.22 -8.33
CA ASN D 195 32.90 35.66 -8.08
C ASN D 195 31.54 36.27 -8.28
N LEU D 196 31.03 36.91 -7.24
CA LEU D 196 29.72 37.53 -7.26
C LEU D 196 29.86 39.04 -7.13
N THR D 197 29.01 39.76 -7.85
CA THR D 197 29.01 41.22 -7.83
C THR D 197 27.61 41.71 -7.50
N ILE D 198 27.51 42.68 -6.58
CA ILE D 198 26.25 43.24 -6.16
C ILE D 198 26.05 44.59 -6.88
N LYS D 199 25.15 44.64 -7.84
CA LYS D 199 24.90 45.87 -8.60
C LYS D 199 23.65 46.57 -8.03
N LYS D 200 23.22 47.65 -8.67
CA LYS D 200 22.06 48.39 -8.23
C LYS D 200 20.88 48.05 -9.12
N ASP D 201 21.15 47.87 -10.41
CA ASP D 201 20.09 47.56 -11.38
C ASP D 201 20.41 46.25 -12.10
N TRP D 202 19.23 45.51 -12.35
CA TRP D 202 19.28 44.19 -12.96
C TRP D 202 19.76 44.36 -14.38
PB GDP E . -24.02 -33.12 1.25
O1B GDP E . -23.56 -31.74 1.50
O2B GDP E . -24.84 -33.34 0.16
O3B GDP E . -22.72 -34.11 1.23
O3A GDP E . -24.89 -33.56 2.48
PA GDP E . -26.44 -34.22 2.60
O1A GDP E . -27.50 -33.31 2.11
O2A GDP E . -26.34 -35.54 1.90
O5' GDP E . -26.56 -34.32 4.14
C5' GDP E . -25.83 -35.29 4.95
C4' GDP E . -26.58 -35.82 6.09
O4' GDP E . -27.09 -34.68 6.91
C3' GDP E . -27.91 -36.58 5.74
O3' GDP E . -28.00 -37.73 6.66
C2' GDP E . -29.10 -35.63 5.98
O2' GDP E . -30.37 -36.18 6.37
C1' GDP E . -28.58 -34.66 7.08
N9 GDP E . -29.04 -33.25 6.96
C8 GDP E . -28.87 -32.55 5.64
N7 GDP E . -29.44 -31.36 6.10
C5 GDP E . -29.87 -31.22 7.34
C6 GDP E . -30.49 -30.38 8.30
O6 GDP E . -30.78 -29.14 7.88
N1 GDP E . -30.76 -30.70 9.57
C2 GDP E . -30.42 -32.09 10.02
N2 GDP E . -30.79 -32.20 11.28
N3 GDP E . -29.88 -32.90 9.23
C4 GDP E . -29.61 -32.53 7.96
MG MG F . -24.20 -32.79 -2.51
PB GDP G . 8.05 5.22 23.51
O1B GDP G . 8.25 6.68 23.63
O2B GDP G . 7.28 4.76 22.44
O3B GDP G . 9.49 4.49 23.62
O3A GDP G . 7.21 4.78 24.79
PA GDP G . 5.75 3.94 24.98
O1A GDP G . 4.63 4.69 24.35
O2A GDP G . 5.99 2.57 24.38
O5' GDP G . 5.62 3.96 26.53
C5' GDP G . 6.49 3.17 27.40
C4' GDP G . 5.81 2.47 28.50
O4' GDP G . 5.17 3.46 29.41
C3' GDP G . 4.58 1.57 28.06
O3' GDP G . 4.74 0.29 28.77
C2' GDP G . 3.25 2.25 28.54
O2' GDP G . 2.21 1.45 29.10
C1' GDP G . 3.70 3.30 29.59
N9 GDP G . 3.11 4.63 29.43
C8 GDP G . 3.20 5.32 28.12
N7 GDP G . 2.52 6.46 28.58
C5 GDP G . 2.08 6.56 29.83
C6 GDP G . 1.42 7.34 30.79
O6 GDP G . 1.01 8.55 30.37
N1 GDP G . 1.19 6.98 32.07
C2 GDP G . 1.67 5.61 32.50
N2 GDP G . 1.36 5.42 33.77
N3 GDP G . 2.27 4.88 31.67
C4 GDP G . 2.48 5.29 30.43
MG MG H . 7.98 5.99 20.06
C1 GER I . 0.03 1.14 -16.80
C2 GER I . -0.79 1.02 -18.08
C3 GER I . -0.71 1.87 -19.15
C4 GER I . 0.28 3.04 -19.07
C5 GER I . -1.62 1.62 -20.39
C6 GER I . -1.18 0.89 -21.65
C7 GER I . -2.36 0.33 -22.47
C8 GER I . -2.74 -0.98 -22.40
C9 GER I . -1.95 -1.91 -21.46
C10 GER I . -3.97 -1.37 -23.29
C11 GER I . -4.58 -2.78 -23.30
C12 GER I . -5.04 -3.24 -24.68
C13 GER I . -5.60 -4.46 -24.93
C14 GER I . -5.80 -5.44 -23.76
C15 GER I . -6.03 -4.84 -26.35
C16 GER I . -6.75 -6.16 -26.69
C17 GER I . -6.65 -6.49 -28.17
C18 GER I . -6.67 -7.78 -28.62
C19 GER I . -6.81 -8.91 -27.58
C20 GER I . -6.54 -7.90 -30.16
C1 GER J . 29.66 44.67 6.78
C2 GER J . 28.77 43.94 5.77
C3 GER J . 28.93 43.97 4.40
C4 GER J . 30.09 44.80 3.83
C5 GER J . 27.94 43.18 3.51
C6 GER J . 27.46 41.77 3.81
C7 GER J . 27.04 40.99 2.55
C8 GER J . 27.82 40.01 1.99
C9 GER J . 29.16 39.69 2.67
C10 GER J . 27.22 39.32 0.71
C11 GER J . 26.50 37.98 0.78
C12 GER J . 26.10 37.40 -0.57
C13 GER J . 25.44 36.20 -0.71
C14 GER J . 25.10 35.38 0.55
C15 GER J . 25.07 35.67 -2.10
C16 GER J . 25.23 34.22 -2.54
C17 GER J . 24.46 33.93 -3.82
C18 GER J . 24.21 32.65 -4.27
C19 GER J . 24.73 31.47 -3.43
C20 GER J . 23.40 32.59 -5.58
#